data_5MBU
#
_entry.id   5MBU
#
_cell.length_a   56.900
_cell.length_b   62.611
_cell.length_c   67.792
_cell.angle_alpha   82.23
_cell.angle_beta   76.96
_cell.angle_gamma   75.98
#
_symmetry.space_group_name_H-M   'P 1'
#
loop_
_entity.id
_entity.type
_entity.pdbx_description
1 polymer 'Enterochelin uptake periplasmic binding protein'
2 polymer 'Enterochelin uptake periplasmic binding protein'
3 water water
#
loop_
_entity_poly.entity_id
_entity_poly.type
_entity_poly.pdbx_seq_one_letter_code
_entity_poly.pdbx_strand_id
1 'polypeptide(L)'
;GPAMLPISMSDEGDSFLVKDSLGENKIPKNPSKVVILDLGILDTFDALKLNDKVVGVPAKNLPKYLQQFKNKPSVGGVQQ
VDFEAINALKPDLIIISGRQSKFYDKLKEIAPTLFVGLDNANFLSSFENNVLSVAKLYGLEKEALEKISDIKNEIEKAKS
IVDEDKKALIILTNSNKISAFGPQSRFGIIHDVLGINAVDENIKVGTAGKSINSEFILEKNPDYIFVVDRNVILGNKERA
QGILDNALVAKTKAAQNKKIIYLDPEYWFLASGNGLESLKTMILEIKNAVK
;
A,C
2 'polypeptide(L)'
;GPAMLPISMSDEGDSFLVKDSIGENKIPKNPSKVVILDLGILDTFDALKLNDKVVGVPAKNLPKYLQQFKNKPSVGGVQQ
VDFEAINALKPDLIIISGRQSKFYDKLKEIAPTLFVGLDNANFLSSFENNVLSVAKLYGLEKEALEKISDIKNEIEKAKS
IVDEDKKALIILTNSNKISAFGPQSRFGIIHDVLGINAVDENIKVGTAGKSINSEFILEKNPDYIFVVDRNVILGNKERA
QGILDNALVAKTKAAQNKKIIYLDPEYWFLASGNGLESLKTMILEIKNAVK
;
B
#
# COMPACT_ATOMS: atom_id res chain seq x y z
N ALA A 3 33.02 -18.59 22.65
CA ALA A 3 32.09 -18.87 21.51
C ALA A 3 30.93 -19.74 21.99
N MET A 4 29.70 -19.40 21.57
CA MET A 4 28.53 -20.20 21.96
C MET A 4 28.68 -21.65 21.47
N LEU A 5 28.33 -22.65 22.27
CA LEU A 5 28.40 -24.04 21.79
C LEU A 5 27.35 -24.18 20.66
N PRO A 6 27.73 -24.75 19.48
CA PRO A 6 26.83 -25.05 18.37
C PRO A 6 25.88 -26.21 18.67
N ILE A 7 24.86 -26.34 17.87
CA ILE A 7 23.98 -27.46 17.95
C ILE A 7 24.76 -28.55 17.20
N SER A 8 24.85 -29.71 17.82
CA SER A 8 25.30 -30.94 17.13
C SER A 8 24.25 -32.05 17.21
N MET A 9 24.16 -32.86 16.19
CA MET A 9 23.09 -33.83 16.09
C MET A 9 23.68 -35.15 15.64
N SER A 10 23.28 -36.25 16.25
CA SER A 10 23.64 -37.54 15.68
C SER A 10 22.36 -38.35 15.43
N ASP A 11 22.34 -38.93 14.25
CA ASP A 11 21.22 -39.68 13.75
C ASP A 11 21.12 -41.05 14.46
N GLU A 12 19.96 -41.30 15.05
CA GLU A 12 19.66 -42.53 15.78
C GLU A 12 18.40 -43.21 15.19
N GLY A 13 18.22 -43.11 13.86
CA GLY A 13 17.13 -43.80 13.15
C GLY A 13 15.79 -43.06 13.02
N ASP A 14 14.90 -43.25 14.00
CA ASP A 14 13.64 -42.51 14.07
C ASP A 14 13.83 -41.06 14.65
N SER A 15 15.02 -40.74 15.15
CA SER A 15 15.27 -39.47 15.86
C SER A 15 16.72 -39.00 15.75
N PHE A 16 16.95 -37.79 16.28
CA PHE A 16 18.29 -37.29 16.50
C PHE A 16 18.54 -37.05 17.98
N LEU A 17 19.77 -37.35 18.35
CA LEU A 17 20.27 -36.97 19.65
C LEU A 17 20.93 -35.59 19.43
N VAL A 18 20.38 -34.56 20.09
CA VAL A 18 20.74 -33.17 19.79
C VAL A 18 21.38 -32.53 21.02
N LYS A 19 22.55 -31.90 20.86
CA LYS A 19 23.15 -31.15 21.93
C LYS A 19 23.27 -29.69 21.49
N ASP A 20 22.87 -28.77 22.35
CA ASP A 20 23.12 -27.36 22.12
C ASP A 20 23.59 -26.74 23.45
N SER A 21 23.78 -25.43 23.48
CA SER A 21 24.35 -24.78 24.64
C SER A 21 23.48 -24.94 25.90
N LEU A 22 22.17 -25.14 25.77
CA LEU A 22 21.31 -25.28 26.96
C LEU A 22 21.11 -26.72 27.46
N GLY A 23 21.44 -27.74 26.67
CA GLY A 23 21.22 -29.10 27.10
C GLY A 23 21.06 -30.07 25.94
N GLU A 24 20.61 -31.28 26.25
CA GLU A 24 20.56 -32.37 25.27
C GLU A 24 19.15 -32.78 25.08
N ASN A 25 18.75 -33.13 23.86
CA ASN A 25 17.36 -33.60 23.62
C ASN A 25 17.36 -34.70 22.57
N LYS A 26 16.44 -35.62 22.69
CA LYS A 26 16.09 -36.54 21.62
C LYS A 26 14.91 -35.87 20.92
N ILE A 27 15.09 -35.60 19.64
CA ILE A 27 14.08 -34.93 18.80
C ILE A 27 13.67 -35.92 17.77
N PRO A 28 12.34 -36.19 17.65
CA PRO A 28 11.92 -37.06 16.51
C PRO A 28 12.23 -36.47 15.13
N LYS A 29 12.57 -37.34 14.16
CA LYS A 29 12.64 -36.92 12.77
C LYS A 29 11.28 -36.46 12.29
N ASN A 30 11.32 -35.48 11.43
CA ASN A 30 10.13 -34.90 10.88
C ASN A 30 9.05 -34.50 11.93
N PRO A 31 9.43 -33.71 12.93
CA PRO A 31 8.45 -33.33 13.92
C PRO A 31 7.25 -32.61 13.30
N SER A 32 6.07 -32.95 13.77
CA SER A 32 4.86 -32.52 13.12
C SER A 32 4.02 -31.51 13.91
N LYS A 33 4.38 -31.20 15.15
CA LYS A 33 3.66 -30.25 16.00
C LYS A 33 4.68 -29.38 16.66
N VAL A 34 5.17 -28.35 15.94
CA VAL A 34 6.23 -27.57 16.46
C VAL A 34 5.74 -26.20 16.97
N VAL A 35 6.13 -25.85 18.18
CA VAL A 35 5.85 -24.55 18.75
C VAL A 35 7.15 -23.74 18.60
N ILE A 36 7.03 -22.58 18.01
CA ILE A 36 8.21 -21.75 17.68
C ILE A 36 8.05 -20.39 18.41
N LEU A 37 9.01 -20.06 19.26
CA LEU A 37 8.99 -18.74 19.93
C LEU A 37 10.01 -17.77 19.42
N ASP A 38 10.82 -18.16 18.44
CA ASP A 38 11.84 -17.27 17.84
C ASP A 38 11.32 -16.89 16.47
N LEU A 39 11.15 -15.58 16.22
CA LEU A 39 10.52 -15.14 14.98
C LEU A 39 11.40 -15.44 13.76
N GLY A 40 12.71 -15.32 13.92
CA GLY A 40 13.63 -15.58 12.82
C GLY A 40 13.53 -17.02 12.37
N ILE A 41 13.51 -17.96 13.31
CA ILE A 41 13.40 -19.34 12.87
C ILE A 41 12.04 -19.67 12.27
N LEU A 42 11.01 -18.95 12.70
CA LEU A 42 9.66 -19.10 12.12
C LEU A 42 9.70 -18.73 10.65
N ASP A 43 10.41 -17.64 10.32
CA ASP A 43 10.65 -17.26 8.90
C ASP A 43 11.36 -18.36 8.11
N THR A 44 12.34 -18.99 8.72
CA THR A 44 13.04 -20.10 8.10
C THR A 44 12.13 -21.30 7.87
N PHE A 45 11.19 -21.56 8.79
CA PHE A 45 10.19 -22.58 8.54
C PHE A 45 9.40 -22.30 7.29
N ASP A 46 9.00 -21.07 7.15
CA ASP A 46 8.36 -20.64 5.93
C ASP A 46 9.24 -20.85 4.71
N ALA A 47 10.44 -20.38 4.82
CA ALA A 47 11.27 -20.42 3.62
C ALA A 47 11.55 -21.88 3.19
N LEU A 48 11.64 -22.82 4.14
CA LEU A 48 11.78 -24.29 3.84
C LEU A 48 10.44 -25.04 3.54
N LYS A 49 9.33 -24.33 3.49
CA LYS A 49 7.96 -24.92 3.24
C LYS A 49 7.46 -25.84 4.32
N LEU A 50 7.76 -25.49 5.55
CA LEU A 50 7.40 -26.29 6.75
C LEU A 50 6.26 -25.65 7.50
N ASN A 51 5.46 -24.83 6.85
CA ASN A 51 4.40 -24.05 7.53
C ASN A 51 3.39 -24.98 8.27
N ASP A 52 3.07 -26.09 7.62
CA ASP A 52 2.16 -27.13 8.18
C ASP A 52 2.73 -27.82 9.41
N LYS A 53 4.02 -27.73 9.68
CA LYS A 53 4.55 -28.33 10.92
C LYS A 53 4.33 -27.48 12.19
N VAL A 54 4.02 -26.23 12.03
CA VAL A 54 3.95 -25.26 13.09
C VAL A 54 2.52 -25.26 13.66
N VAL A 55 2.45 -25.43 14.98
CA VAL A 55 1.14 -25.44 15.68
C VAL A 55 1.00 -24.28 16.68
N GLY A 56 2.09 -23.56 16.95
CA GLY A 56 2.03 -22.41 17.91
C GLY A 56 3.07 -21.36 17.65
N VAL A 57 2.66 -20.11 17.69
CA VAL A 57 3.57 -19.00 17.50
C VAL A 57 3.23 -17.88 18.52
N PRO A 58 4.10 -16.90 18.67
CA PRO A 58 3.78 -15.75 19.51
C PRO A 58 3.02 -14.75 18.72
N ALA A 59 1.72 -14.99 18.64
CA ALA A 59 0.85 -14.22 17.78
C ALA A 59 0.71 -12.75 18.22
N LYS A 60 0.79 -12.41 19.52
CA LYS A 60 0.68 -10.99 19.96
C LYS A 60 1.86 -10.13 19.42
N ASN A 61 3.07 -10.64 19.56
C ASN A 61 4.04 -9.71 16.99
N LEU A 62 3.19 -10.34 16.21
CA LEU A 62 3.70 -10.89 14.99
C LEU A 62 4.00 -9.76 14.08
N PRO A 63 5.19 -9.72 13.49
CA PRO A 63 5.44 -8.61 12.57
C PRO A 63 4.77 -8.70 11.21
N LYS A 64 4.86 -7.61 10.44
CA LYS A 64 4.15 -7.50 9.18
C LYS A 64 4.60 -8.61 8.13
N TYR A 65 5.84 -9.05 8.21
CA TYR A 65 6.36 -10.07 7.35
C TYR A 65 6.05 -11.51 7.75
N LEU A 66 5.31 -11.76 8.83
CA LEU A 66 5.01 -13.09 9.25
C LEU A 66 3.51 -13.29 9.39
N GLN A 67 2.74 -12.57 8.59
CA GLN A 67 1.26 -12.63 8.75
C GLN A 67 0.61 -13.92 8.24
N GLN A 68 1.36 -14.75 7.52
CA GLN A 68 0.86 -16.10 7.18
C GLN A 68 0.70 -17.02 8.35
N PHE A 69 1.27 -16.67 9.52
CA PHE A 69 1.07 -17.41 10.74
C PHE A 69 0.09 -16.75 11.71
N LYS A 70 -0.68 -15.77 11.27
CA LYS A 70 -1.53 -14.97 12.20
C LYS A 70 -2.67 -15.80 12.82
N ASN A 71 -3.06 -16.82 12.15
CA ASN A 71 -4.14 -17.68 12.64
C ASN A 71 -3.67 -18.98 13.29
N LYS A 72 -2.35 -19.22 13.39
CA LYS A 72 -1.84 -20.29 14.25
C LYS A 72 -2.22 -20.00 15.70
N PRO A 73 -2.43 -21.03 16.51
CA PRO A 73 -2.71 -20.82 17.92
C PRO A 73 -1.61 -20.00 18.58
N SER A 74 -1.98 -19.05 19.45
CA SER A 74 -0.99 -18.17 20.07
C SER A 74 -0.45 -18.81 21.32
N VAL A 75 0.86 -18.74 21.47
CA VAL A 75 1.51 -19.23 22.66
C VAL A 75 2.18 -18.14 23.43
N GLY A 76 1.90 -16.88 23.10
CA GLY A 76 2.57 -15.75 23.78
C GLY A 76 2.82 -14.50 22.99
N GLY A 77 3.65 -13.62 23.57
CA GLY A 77 4.11 -12.37 22.90
C GLY A 77 5.59 -12.18 22.62
N VAL A 78 6.41 -13.24 22.83
CA VAL A 78 7.87 -13.14 22.73
CA VAL A 78 7.87 -13.14 22.73
C VAL A 78 8.68 -13.15 24.03
N GLN A 79 8.60 -12.04 24.76
C GLN A 79 7.27 -12.97 27.06
N GLN A 80 6.01 -12.57 27.16
CA GLN A 80 5.04 -13.32 27.93
C GLN A 80 4.71 -14.67 27.23
N VAL A 81 5.22 -15.77 27.75
CA VAL A 81 5.01 -17.10 27.24
C VAL A 81 3.82 -17.70 27.97
N ASP A 82 2.87 -18.28 27.22
CA ASP A 82 1.67 -18.90 27.82
C ASP A 82 1.83 -20.43 27.90
N PHE A 83 2.22 -20.93 29.07
CA PHE A 83 2.56 -22.35 29.24
C PHE A 83 1.41 -23.29 29.11
N GLU A 84 0.25 -22.83 29.54
CA GLU A 84 -0.98 -23.57 29.38
C GLU A 84 -1.35 -23.84 27.91
N ALA A 85 -1.29 -22.80 27.08
CA ALA A 85 -1.56 -22.97 25.65
C ALA A 85 -0.53 -23.96 25.07
N ILE A 86 0.74 -23.83 25.45
CA ILE A 86 1.76 -24.74 24.95
C ILE A 86 1.49 -26.20 25.29
N ASN A 87 1.19 -26.51 26.54
CA ASN A 87 0.86 -27.87 26.93
C ASN A 87 -0.37 -28.41 26.21
N ALA A 88 -1.36 -27.57 26.02
CA ALA A 88 -2.63 -27.99 25.41
C ALA A 88 -2.46 -28.33 23.89
N LEU A 89 -1.44 -27.74 23.24
CA LEU A 89 -1.15 -28.09 21.84
C LEU A 89 -0.46 -29.43 21.73
N LYS A 90 0.12 -29.91 22.80
CA LYS A 90 0.81 -31.18 22.86
C LYS A 90 1.92 -31.30 21.79
N PRO A 91 2.86 -30.39 21.82
CA PRO A 91 3.85 -30.33 20.74
C PRO A 91 4.87 -31.41 20.89
N ASP A 92 5.50 -31.75 19.77
CA ASP A 92 6.60 -32.71 19.79
C ASP A 92 7.95 -31.98 19.73
N LEU A 93 7.92 -30.64 19.59
CA LEU A 93 9.13 -29.82 19.55
C LEU A 93 8.81 -28.38 19.85
N ILE A 94 9.62 -27.77 20.72
CA ILE A 94 9.57 -26.35 21.01
C ILE A 94 10.96 -25.73 20.61
N ILE A 95 10.91 -24.60 19.89
CA ILE A 95 12.14 -23.94 19.39
C ILE A 95 12.18 -22.55 20.00
N ILE A 96 13.33 -22.25 20.60
CA ILE A 96 13.57 -21.01 21.26
C ILE A 96 14.88 -20.38 20.88
N SER A 97 15.00 -19.10 21.16
CA SER A 97 16.30 -18.40 21.02
C SER A 97 16.54 -17.65 22.34
N GLY A 98 17.55 -16.76 22.30
CA GLY A 98 18.03 -16.02 23.49
C GLY A 98 17.05 -15.50 24.53
N ARG A 99 16.05 -14.75 24.06
CA ARG A 99 14.96 -14.16 24.85
C ARG A 99 14.13 -15.15 25.68
N GLN A 100 14.10 -16.44 25.30
CA GLN A 100 13.41 -17.45 26.06
C GLN A 100 14.29 -18.42 26.79
N SER A 101 15.61 -18.24 26.82
CA SER A 101 16.46 -19.23 27.53
C SER A 101 16.10 -19.28 28.99
N LYS A 102 15.59 -18.18 29.52
CA LYS A 102 15.07 -18.18 30.89
C LYS A 102 13.88 -19.15 31.14
N PHE A 103 13.17 -19.56 30.07
CA PHE A 103 12.03 -20.42 30.23
C PHE A 103 12.39 -21.89 29.96
N TYR A 104 13.67 -22.18 29.80
CA TYR A 104 14.10 -23.50 29.23
C TYR A 104 13.65 -24.69 30.03
N ASP A 105 13.83 -24.66 31.34
CA ASP A 105 13.48 -25.86 32.13
C ASP A 105 11.99 -26.15 32.13
N LYS A 106 11.17 -25.12 32.21
CA LYS A 106 9.73 -25.28 32.12
C LYS A 106 9.25 -25.77 30.75
N LEU A 107 9.85 -25.30 29.68
CA LEU A 107 9.44 -25.76 28.33
C LEU A 107 9.88 -27.19 28.15
N LYS A 108 11.04 -27.55 28.68
CA LYS A 108 11.60 -28.87 28.43
C LYS A 108 10.80 -29.95 29.18
N GLU A 109 10.12 -29.61 30.25
CA GLU A 109 9.12 -30.55 30.84
C GLU A 109 7.96 -30.82 29.92
N ILE A 110 7.67 -29.89 28.97
CA ILE A 110 6.53 -30.10 28.08
C ILE A 110 7.00 -30.94 26.91
N ALA A 111 8.08 -30.53 26.26
CA ALA A 111 8.50 -31.23 25.04
C ALA A 111 9.94 -30.90 24.82
N PRO A 112 10.61 -31.68 23.96
CA PRO A 112 12.02 -31.43 23.60
C PRO A 112 12.16 -30.00 23.06
N THR A 113 13.16 -29.27 23.55
CA THR A 113 13.29 -27.83 23.32
C THR A 113 14.70 -27.56 22.75
N LEU A 114 14.70 -27.06 21.52
CA LEU A 114 15.89 -26.81 20.72
C LEU A 114 16.19 -25.33 20.81
N PHE A 115 17.45 -24.98 21.13
CA PHE A 115 17.88 -23.62 21.25
C PHE A 115 18.61 -23.23 19.99
N VAL A 116 18.12 -22.17 19.34
CA VAL A 116 18.78 -21.62 18.13
C VAL A 116 19.31 -20.22 18.49
N GLY A 117 20.29 -20.22 19.37
CA GLY A 117 20.94 -18.99 19.76
C GLY A 117 21.68 -18.27 18.67
N LEU A 118 21.60 -16.94 18.63
CA LEU A 118 22.51 -16.18 17.78
C LEU A 118 23.68 -15.71 18.60
N ASP A 119 24.87 -16.11 18.21
CA ASP A 119 26.13 -15.71 18.89
C ASP A 119 26.53 -14.34 18.33
N ASN A 120 26.48 -13.28 19.12
CA ASN A 120 26.88 -11.94 18.65
C ASN A 120 28.36 -11.85 18.25
N ALA A 121 29.21 -12.78 18.67
CA ALA A 121 30.62 -12.79 18.19
C ALA A 121 30.88 -13.58 16.94
N ASN A 122 29.93 -14.45 16.60
CA ASN A 122 30.05 -15.32 15.45
C ASN A 122 28.66 -15.50 14.80
N PHE A 123 28.13 -14.42 14.27
CA PHE A 123 26.75 -14.37 13.80
C PHE A 123 26.47 -15.34 12.66
N LEU A 124 27.25 -15.25 11.62
CA LEU A 124 27.03 -16.09 10.49
C LEU A 124 27.21 -17.56 10.75
N SER A 125 28.19 -17.95 11.55
CA SER A 125 28.34 -19.34 11.86
C SER A 125 27.15 -19.89 12.70
N SER A 126 26.65 -19.09 13.65
CA SER A 126 25.46 -19.44 14.41
C SER A 126 24.22 -19.53 13.49
N PHE A 127 24.01 -18.56 12.59
CA PHE A 127 22.93 -18.54 11.64
C PHE A 127 22.87 -19.80 10.76
N GLU A 128 24.00 -20.11 10.13
CA GLU A 128 24.16 -21.37 9.40
C GLU A 128 23.85 -22.63 10.16
N ASN A 129 24.38 -22.76 11.36
CA ASN A 129 24.22 -23.95 12.17
C ASN A 129 22.70 -24.06 12.57
N ASN A 130 22.07 -22.93 12.85
CA ASN A 130 20.60 -22.93 13.25
C ASN A 130 19.73 -23.39 12.09
N VAL A 131 19.95 -22.85 10.91
CA VAL A 131 19.19 -23.18 9.72
C VAL A 131 19.43 -24.62 9.28
N LEU A 132 20.69 -25.03 9.28
CA LEU A 132 21.05 -26.40 8.84
C LEU A 132 20.54 -27.43 9.87
N SER A 133 20.56 -27.12 11.16
CA SER A 133 20.05 -28.03 12.15
C SER A 133 18.55 -28.22 12.06
N VAL A 134 17.80 -27.17 11.81
CA VAL A 134 16.38 -27.32 11.54
C VAL A 134 16.14 -28.14 10.29
N ALA A 135 16.91 -27.86 9.23
CA ALA A 135 16.75 -28.60 7.98
C ALA A 135 17.00 -30.08 8.08
N LYS A 136 17.95 -30.46 8.92
CA LYS A 136 18.35 -31.84 9.08
C LYS A 136 17.25 -32.63 9.70
N LEU A 137 16.46 -31.98 10.56
CA LEU A 137 15.31 -32.65 11.15
C LEU A 137 14.35 -33.16 10.13
N TYR A 138 14.24 -32.45 8.97
CA TYR A 138 13.30 -32.73 7.90
C TYR A 138 13.92 -33.33 6.63
N GLY A 139 15.20 -33.51 6.65
CA GLY A 139 15.98 -33.97 5.48
C GLY A 139 16.05 -32.94 4.38
N LEU A 140 16.08 -31.65 4.72
CA LEU A 140 16.10 -30.52 3.79
C LEU A 140 17.45 -29.81 3.63
N GLU A 141 18.52 -30.50 4.00
CA GLU A 141 19.87 -29.94 3.90
C GLU A 141 20.19 -29.30 2.55
N LYS A 142 19.81 -29.96 1.45
CA LYS A 142 20.09 -29.43 0.10
C LYS A 142 19.41 -28.06 -0.12
N GLU A 143 18.10 -28.01 0.18
CA GLU A 143 17.33 -26.79 0.08
C GLU A 143 17.87 -25.68 1.02
N ALA A 144 18.24 -26.03 2.24
CA ALA A 144 18.78 -25.04 3.19
C ALA A 144 20.18 -24.49 2.74
N LEU A 145 21.02 -25.38 2.18
CA LEU A 145 22.33 -24.94 1.60
C LEU A 145 22.19 -23.99 0.42
N GLU A 146 21.21 -24.19 -0.45
CA GLU A 146 20.94 -23.25 -1.53
C GLU A 146 20.54 -21.88 -1.01
N LYS A 147 19.68 -21.82 0.01
CA LYS A 147 19.27 -20.53 0.53
C LYS A 147 20.37 -19.85 1.35
N ILE A 148 21.17 -20.62 2.06
CA ILE A 148 22.31 -20.09 2.81
C ILE A 148 23.31 -19.45 1.80
N SER A 149 23.58 -20.11 0.68
CA SER A 149 24.38 -19.54 -0.45
C SER A 149 23.83 -18.22 -1.01
N ASP A 150 22.49 -18.10 -1.17
CA ASP A 150 21.83 -16.89 -1.57
C ASP A 150 22.14 -15.79 -0.58
N ILE A 151 22.06 -16.07 0.74
CA ILE A 151 22.34 -14.99 1.69
CA ILE A 151 22.35 -15.07 1.81
C ILE A 151 23.82 -14.61 1.62
N LYS A 152 24.70 -15.58 1.48
CA LYS A 152 26.16 -15.25 1.37
C LYS A 152 26.48 -14.40 0.19
N ASN A 153 25.81 -14.65 -0.94
CA ASN A 153 25.94 -13.83 -2.09
C ASN A 153 25.41 -12.44 -1.87
N GLU A 154 24.29 -12.28 -1.17
CA GLU A 154 23.83 -10.94 -0.83
C GLU A 154 24.76 -10.22 0.05
N ILE A 155 25.35 -10.89 1.04
CA ILE A 155 26.36 -10.21 1.90
C ILE A 155 27.55 -9.73 1.00
N GLU A 156 27.94 -10.53 0.02
CA GLU A 156 29.11 -10.14 -0.79
C GLU A 156 28.78 -8.93 -1.67
N LYS A 157 27.57 -8.88 -2.20
CA LYS A 157 27.12 -7.70 -2.96
C LYS A 157 27.08 -6.44 -2.09
N ALA A 158 26.59 -6.56 -0.86
CA ALA A 158 26.55 -5.46 0.07
C ALA A 158 27.95 -4.97 0.50
N LYS A 159 28.81 -5.92 0.87
CA LYS A 159 30.21 -5.60 1.24
C LYS A 159 30.98 -4.92 0.11
N SER A 160 30.78 -5.36 -1.11
CA SER A 160 31.37 -4.78 -2.30
C SER A 160 31.19 -3.26 -2.40
N ILE A 161 30.15 -2.67 -1.80
CA ILE A 161 29.87 -1.29 -2.06
C ILE A 161 30.14 -0.40 -0.85
N VAL A 162 30.64 -0.97 0.23
CA VAL A 162 30.92 -0.21 1.44
C VAL A 162 32.19 0.62 1.24
N ASP A 163 32.10 1.85 1.67
CA ASP A 163 33.25 2.80 1.68
C ASP A 163 34.14 2.59 2.89
N GLU A 164 35.37 2.13 2.65
CA GLU A 164 36.40 1.85 3.68
C GLU A 164 36.79 3.04 4.59
N ASP A 165 36.61 4.27 4.14
CA ASP A 165 36.92 5.47 4.92
C ASP A 165 35.67 6.12 5.61
N LYS A 166 34.46 5.54 5.52
CA LYS A 166 33.32 6.11 6.26
C LYS A 166 33.04 5.33 7.56
N LYS A 167 32.49 5.98 8.57
CA LYS A 167 32.24 5.32 9.86
C LYS A 167 30.81 5.49 10.27
N ALA A 168 30.24 4.42 10.86
CA ALA A 168 28.88 4.45 11.37
C ALA A 168 28.76 4.30 12.85
N LEU A 169 27.64 4.80 13.37
CA LEU A 169 27.21 4.59 14.70
C LEU A 169 25.82 3.96 14.73
N ILE A 170 25.60 3.02 15.63
CA ILE A 170 24.34 2.40 15.87
C ILE A 170 23.78 2.87 17.18
N ILE A 171 22.51 3.29 17.13
CA ILE A 171 21.80 3.64 18.31
C ILE A 171 20.41 3.07 18.42
N LEU A 172 20.03 2.86 19.65
CA LEU A 172 18.70 2.42 20.02
C LEU A 172 18.05 3.55 20.77
N THR A 173 16.88 4.00 20.29
CA THR A 173 16.11 5.05 20.99
C THR A 173 14.92 4.37 21.60
N ASN A 174 14.81 4.52 22.90
CA ASN A 174 13.74 4.02 23.77
C ASN A 174 13.14 5.18 24.65
N SER A 175 11.89 5.57 24.37
CA SER A 175 11.34 6.87 24.72
C SER A 175 12.37 7.91 24.37
N ASN A 176 12.88 8.63 25.39
CA ASN A 176 13.90 9.67 25.17
C ASN A 176 15.37 9.29 25.46
N LYS A 177 15.60 8.06 25.95
CA LYS A 177 16.96 7.49 26.15
C LYS A 177 17.65 7.13 24.76
N ILE A 178 18.92 7.49 24.57
CA ILE A 178 19.73 7.05 23.43
C ILE A 178 20.82 6.14 23.96
N SER A 179 20.97 4.94 23.38
CA SER A 179 22.05 4.02 23.80
C SER A 179 22.81 3.54 22.58
N ALA A 180 24.14 3.52 22.68
CA ALA A 180 24.99 3.21 21.56
C ALA A 180 25.39 1.72 21.62
N PHE A 181 25.62 1.17 20.43
CA PHE A 181 25.94 -0.27 20.24
C PHE A 181 27.01 -0.37 19.22
N GLY A 182 27.92 -1.31 19.39
CA GLY A 182 29.00 -1.43 18.46
C GLY A 182 29.19 -2.85 17.94
N PRO A 183 30.41 -3.14 17.46
CA PRO A 183 30.76 -4.46 16.94
C PRO A 183 30.49 -5.54 18.00
N GLN A 184 30.06 -6.70 17.54
CA GLN A 184 29.77 -7.85 18.38
C GLN A 184 28.60 -7.68 19.34
N SER A 185 27.68 -6.76 19.03
CA SER A 185 26.50 -6.57 19.82
C SER A 185 25.29 -7.26 19.13
N ARG A 186 24.11 -7.10 19.73
CA ARG A 186 22.87 -7.57 19.12
C ARG A 186 22.53 -6.91 17.74
N PHE A 187 23.09 -5.74 17.43
CA PHE A 187 22.90 -5.08 16.10
C PHE A 187 24.18 -5.25 15.26
N GLY A 188 25.08 -6.07 15.75
CA GLY A 188 26.51 -6.03 15.29
C GLY A 188 26.77 -6.38 13.84
N ILE A 189 25.80 -7.03 13.21
CA ILE A 189 25.97 -7.41 11.81
C ILE A 189 26.27 -6.25 10.86
N ILE A 190 25.86 -5.02 11.22
CA ILE A 190 26.23 -3.84 10.40
C ILE A 190 27.79 -3.72 10.31
N HIS A 191 28.43 -3.90 11.45
CA HIS A 191 29.91 -3.86 11.54
C HIS A 191 30.62 -5.18 11.24
N ASP A 192 30.03 -6.24 11.74
CA ASP A 192 30.71 -7.57 11.78
C ASP A 192 30.54 -8.36 10.53
N VAL A 193 29.36 -8.31 9.93
CA VAL A 193 29.10 -9.06 8.70
C VAL A 193 29.25 -8.22 7.45
N LEU A 194 28.68 -7.00 7.45
CA LEU A 194 28.75 -6.16 6.25
C LEU A 194 29.94 -5.23 6.18
N GLY A 195 30.78 -5.23 7.22
CA GLY A 195 32.10 -4.56 7.21
C GLY A 195 32.11 -3.04 7.28
N ILE A 196 31.00 -2.44 7.71
CA ILE A 196 30.89 -0.99 7.80
C ILE A 196 31.67 -0.61 9.08
N ASN A 197 32.58 0.35 9.00
CA ASN A 197 33.43 0.68 10.15
C ASN A 197 32.68 1.43 11.17
N ALA A 198 33.07 1.22 12.43
CA ALA A 198 32.42 1.84 13.54
C ALA A 198 33.11 3.14 13.97
N VAL A 199 32.38 4.04 14.59
CA VAL A 199 32.99 5.23 15.16
C VAL A 199 33.73 4.85 16.42
N ASP A 200 33.19 3.90 17.17
CA ASP A 200 33.85 3.37 18.34
C ASP A 200 33.77 1.85 18.31
N GLU A 201 34.93 1.23 18.11
CA GLU A 201 35.10 -0.20 18.18
C GLU A 201 35.12 -0.77 19.61
N ASN A 202 35.13 0.07 20.66
CA ASN A 202 35.36 -0.34 22.09
C ASN A 202 34.21 0.03 23.06
N ILE A 203 33.01 0.30 22.60
CA ILE A 203 31.77 0.23 23.48
C ILE A 203 31.64 -1.19 24.15
N LYS A 204 31.23 -1.23 25.41
CA LYS A 204 31.34 -2.45 26.19
C LYS A 204 30.25 -3.42 25.77
N VAL A 205 30.64 -4.68 25.69
CA VAL A 205 29.73 -5.83 25.49
C VAL A 205 28.57 -5.86 26.52
N GLY A 206 27.33 -5.92 26.02
CA GLY A 206 26.16 -6.09 26.89
C GLY A 206 24.89 -5.64 26.19
N THR A 207 23.77 -6.18 26.64
CA THR A 207 22.50 -6.03 25.91
C THR A 207 21.91 -4.62 25.96
N ALA A 208 22.24 -3.86 27.00
CA ALA A 208 21.66 -2.53 27.17
C ALA A 208 22.53 -1.45 26.47
N GLY A 209 23.76 -1.79 26.06
CA GLY A 209 24.58 -0.82 25.29
C GLY A 209 25.07 0.34 26.17
N LYS A 210 25.60 1.40 25.55
CA LYS A 210 26.11 2.55 26.29
C LYS A 210 25.21 3.78 26.17
N SER A 211 24.86 4.38 27.30
CA SER A 211 24.03 5.60 27.38
C SER A 211 24.76 6.78 26.80
N ILE A 212 24.17 7.49 25.84
CA ILE A 212 24.88 8.61 25.19
C ILE A 212 23.86 9.73 24.98
N ASN A 213 24.38 10.85 24.51
CA ASN A 213 23.63 12.05 24.19
C ASN A 213 24.11 12.67 22.90
N SER A 214 23.54 13.81 22.53
CA SER A 214 23.85 14.42 21.26
C SER A 214 25.23 14.92 21.16
N GLU A 215 25.81 15.33 22.27
CA GLU A 215 27.21 15.81 22.32
C GLU A 215 28.17 14.67 21.85
N PHE A 216 27.93 13.48 22.40
CA PHE A 216 28.65 12.26 22.00
C PHE A 216 28.59 12.04 20.48
N ILE A 217 27.38 12.13 19.94
CA ILE A 217 27.15 11.94 18.52
C ILE A 217 27.93 12.96 17.73
N LEU A 218 27.94 14.21 18.21
CA LEU A 218 28.76 15.26 17.57
C LEU A 218 30.27 15.00 17.71
N GLU A 219 30.72 14.66 18.92
CA GLU A 219 32.11 14.25 19.16
C GLU A 219 32.54 13.18 18.14
N LYS A 220 31.72 12.13 17.97
CA LYS A 220 32.08 11.03 17.04
C LYS A 220 31.99 11.42 15.59
N ASN A 221 31.08 12.34 15.25
CA ASN A 221 30.85 12.77 13.89
C ASN A 221 30.75 11.63 12.87
N PRO A 222 29.83 10.72 13.11
CA PRO A 222 29.59 9.62 12.16
C PRO A 222 29.23 9.97 10.72
N ASP A 223 29.74 9.25 9.76
CA ASP A 223 29.27 9.39 8.38
C ASP A 223 27.86 8.82 8.17
N TYR A 224 27.54 7.73 8.88
CA TYR A 224 26.17 7.20 8.92
C TYR A 224 25.72 7.04 10.36
N ILE A 225 24.43 7.20 10.62
CA ILE A 225 23.83 6.88 11.91
C ILE A 225 22.66 5.92 11.64
N PHE A 226 22.78 4.69 12.19
CA PHE A 226 21.73 3.65 12.15
C PHE A 226 20.92 3.67 13.40
N VAL A 227 19.62 3.95 13.30
CA VAL A 227 18.73 4.04 14.42
C VAL A 227 17.72 2.91 14.48
N VAL A 228 17.63 2.29 15.64
CA VAL A 228 16.64 1.32 15.92
C VAL A 228 15.77 1.96 16.94
N ASP A 229 14.59 2.35 16.48
CA ASP A 229 13.66 3.08 17.26
C ASP A 229 12.59 2.16 17.87
N ARG A 230 12.78 1.84 19.12
CA ARG A 230 11.82 1.03 19.86
C ARG A 230 10.54 1.88 20.21
N ASN A 231 10.55 3.19 20.04
CA ASN A 231 9.26 3.92 20.08
C ASN A 231 8.23 3.46 19.01
N VAL A 232 8.70 2.82 17.94
CA VAL A 232 7.81 2.27 16.92
C VAL A 232 7.46 0.86 17.38
N ILE A 233 6.68 0.85 18.44
CA ILE A 233 6.11 -0.18 19.34
C ILE A 233 6.35 0.32 20.78
N ASN A 236 4.40 5.50 22.00
CA ASN A 236 4.46 6.40 20.87
C ASN A 236 4.72 7.84 21.21
N LYS A 237 4.26 8.66 20.31
CA LYS A 237 4.43 10.14 20.28
C LYS A 237 5.86 10.39 19.86
N GLU A 238 6.80 10.28 20.83
CA GLU A 238 8.23 10.59 20.62
C GLU A 238 8.91 9.59 19.65
N ARG A 239 9.73 10.13 18.74
CA ARG A 239 10.34 9.34 17.69
C ARG A 239 11.79 9.79 17.52
N ALA A 240 12.64 8.86 17.14
CA ALA A 240 14.07 9.18 17.01
C ALA A 240 14.27 10.45 16.25
N GLN A 241 13.54 10.64 15.14
CA GLN A 241 13.68 11.85 14.30
C GLN A 241 13.63 13.14 15.12
N GLY A 242 12.81 13.17 16.18
CA GLY A 242 12.71 14.33 17.05
C GLY A 242 13.78 14.33 18.12
N ILE A 243 14.08 13.15 18.68
CA ILE A 243 15.21 13.00 19.61
C ILE A 243 16.48 13.60 18.96
N LEU A 244 16.66 13.39 17.67
CA LEU A 244 17.84 13.89 16.94
C LEU A 244 17.61 15.22 16.21
N ASP A 245 16.39 15.75 16.28
CA ASP A 245 16.09 17.11 15.81
C ASP A 245 16.77 18.15 16.73
N ASN A 246 18.08 18.41 16.51
CA ASN A 246 18.81 19.42 17.27
C ASN A 246 20.11 19.83 16.59
N ALA A 247 20.71 20.93 17.06
CA ALA A 247 21.84 21.59 16.33
C ALA A 247 23.18 20.83 16.45
N LEU A 248 23.30 20.00 17.49
CA LEU A 248 24.47 19.11 17.65
C LEU A 248 24.49 18.02 16.55
N VAL A 249 23.38 17.32 16.47
CA VAL A 249 23.17 16.24 15.50
C VAL A 249 23.19 16.82 14.08
N ALA A 250 22.49 17.95 13.87
CA ALA A 250 22.55 18.69 12.58
C ALA A 250 23.96 18.97 12.06
N LYS A 251 24.90 19.25 12.96
CA LYS A 251 26.27 19.57 12.52
C LYS A 251 27.04 18.34 11.96
N THR A 252 26.48 17.13 12.11
CA THR A 252 27.19 15.89 11.90
C THR A 252 27.22 15.54 10.40
N LYS A 253 28.29 14.91 9.91
CA LYS A 253 28.30 14.42 8.52
C LYS A 253 27.05 13.61 8.14
N ALA A 254 26.63 12.72 9.04
CA ALA A 254 25.42 11.89 8.79
C ALA A 254 24.18 12.75 8.47
N ALA A 255 23.94 13.80 9.26
CA ALA A 255 22.79 14.70 9.05
C ALA A 255 22.97 15.51 7.76
N GLN A 256 24.17 16.04 7.54
CA GLN A 256 24.43 16.87 6.39
C GLN A 256 24.16 16.09 5.07
N ASN A 257 24.52 14.80 5.01
CA ASN A 257 24.34 13.98 3.78
C ASN A 257 23.10 13.03 3.79
N LYS A 258 22.22 13.26 4.76
CA LYS A 258 20.93 12.57 4.87
C LYS A 258 21.18 11.07 4.96
N LYS A 259 22.09 10.75 5.88
CA LYS A 259 22.55 9.38 6.13
C LYS A 259 22.25 9.04 7.58
N ILE A 260 21.20 9.67 8.11
CA ILE A 260 20.54 9.13 9.31
C ILE A 260 19.49 8.12 8.86
N ILE A 261 19.79 6.83 9.06
CA ILE A 261 18.99 5.72 8.54
C ILE A 261 18.11 5.14 9.66
N TYR A 262 16.80 5.16 9.47
CA TYR A 262 15.84 4.59 10.47
C TYR A 262 15.52 3.13 10.05
N LEU A 263 16.10 2.15 10.75
CA LEU A 263 15.91 0.71 10.50
C LEU A 263 14.59 0.27 11.06
N ASP A 264 13.98 -0.70 10.38
CA ASP A 264 12.73 -1.27 10.80
C ASP A 264 12.92 -2.07 12.09
N PRO A 265 12.38 -1.59 13.21
CA PRO A 265 12.55 -2.37 14.44
C PRO A 265 11.94 -3.78 14.51
N GLU A 266 10.96 -4.08 13.67
CA GLU A 266 10.38 -5.44 13.63
C GLU A 266 11.37 -6.48 13.12
N TYR A 267 12.46 -6.04 12.47
CA TYR A 267 13.60 -6.90 12.08
C TYR A 267 14.73 -6.81 13.14
N TRP A 268 15.15 -5.58 13.43
CA TRP A 268 16.37 -5.39 14.24
C TRP A 268 16.17 -5.56 15.73
N PHE A 269 15.04 -5.12 16.24
CA PHE A 269 14.85 -5.16 17.70
C PHE A 269 14.39 -6.55 18.04
N LEU A 270 13.47 -7.10 17.23
CA LEU A 270 12.99 -8.47 17.44
C LEU A 270 14.07 -9.53 17.06
N ALA A 271 15.14 -9.12 16.36
CA ALA A 271 16.30 -9.96 16.13
C ALA A 271 15.94 -11.20 15.28
N SER A 272 15.36 -10.97 14.12
CA SER A 272 14.95 -12.07 13.25
C SER A 272 16.10 -12.54 12.33
N GLY A 273 17.32 -12.54 12.84
CA GLY A 273 18.48 -12.95 12.13
C GLY A 273 18.49 -14.42 11.71
N ASN A 274 17.77 -15.30 12.43
CA ASN A 274 17.62 -16.69 12.02
C ASN A 274 16.77 -16.93 10.80
N GLY A 275 16.04 -15.92 10.29
CA GLY A 275 15.25 -16.08 9.08
C GLY A 275 15.97 -15.99 7.75
N LEU A 276 15.78 -17.02 6.90
CA LEU A 276 16.35 -17.05 5.58
C LEU A 276 15.92 -15.83 4.75
N GLU A 277 14.65 -15.40 4.82
CA GLU A 277 14.21 -14.28 4.12
C GLU A 277 14.43 -13.00 4.95
N SER A 278 14.17 -13.06 6.25
CA SER A 278 14.28 -11.81 7.08
C SER A 278 15.73 -11.31 7.14
N LEU A 279 16.68 -12.21 7.29
CA LEU A 279 18.12 -11.81 7.22
C LEU A 279 18.45 -11.17 5.90
N LYS A 280 18.04 -11.75 4.79
CA LYS A 280 18.14 -11.04 3.51
C LYS A 280 17.58 -9.62 3.47
N THR A 281 16.33 -9.45 3.87
CA THR A 281 15.74 -8.08 3.95
C THR A 281 16.63 -7.06 4.79
N MET A 282 17.15 -7.49 5.92
CA MET A 282 18.08 -6.69 6.74
C MET A 282 19.37 -6.33 6.00
N ILE A 283 20.02 -7.30 5.37
CA ILE A 283 21.21 -7.07 4.57
C ILE A 283 20.90 -6.04 3.48
N LEU A 284 19.77 -6.20 2.76
CA LEU A 284 19.39 -5.21 1.75
C LEU A 284 19.06 -3.87 2.26
N GLU A 285 18.52 -3.78 3.47
CA GLU A 285 18.19 -2.52 4.06
C GLU A 285 19.50 -1.68 4.32
N ILE A 286 20.53 -2.35 4.80
CA ILE A 286 21.86 -1.73 5.01
C ILE A 286 22.47 -1.35 3.69
N LYS A 287 22.51 -2.26 2.74
CA LYS A 287 23.11 -1.99 1.42
C LYS A 287 22.49 -0.79 0.75
N ASN A 288 21.15 -0.74 0.77
CA ASN A 288 20.42 0.35 0.14
C ASN A 288 20.50 1.71 0.85
N ALA A 289 20.86 1.73 2.12
CA ALA A 289 21.11 2.96 2.84
C ALA A 289 22.49 3.55 2.50
N VAL A 290 23.50 2.70 2.24
CA VAL A 290 24.89 3.17 2.02
C VAL A 290 25.42 3.11 0.57
N LYS A 291 24.72 2.40 -0.32
CA LYS A 291 24.96 2.42 -1.80
C LYS A 291 25.13 3.88 -2.28
N LEU B 5 -8.38 6.48 -5.53
CA LEU B 5 -8.08 5.91 -6.93
C LEU B 5 -6.79 6.52 -7.59
N PRO B 6 -5.60 5.91 -7.39
CA PRO B 6 -4.29 6.51 -7.71
C PRO B 6 -3.91 6.54 -9.18
N ILE B 7 -2.99 7.44 -9.55
CA ILE B 7 -2.34 7.48 -10.87
C ILE B 7 -1.41 6.31 -11.07
N SER B 8 -1.49 5.76 -12.28
CA SER B 8 -0.75 4.63 -12.72
C SER B 8 -0.51 4.86 -14.21
N MET B 9 0.67 4.43 -14.64
CA MET B 9 1.16 4.73 -15.99
C MET B 9 2.10 3.63 -16.55
N SER B 10 2.05 3.42 -17.88
CA SER B 10 2.95 2.49 -18.60
C SER B 10 3.71 3.24 -19.66
N ASP B 11 5.00 2.94 -19.78
CA ASP B 11 5.84 3.50 -20.83
C ASP B 11 5.44 2.90 -22.18
N GLU B 12 5.13 3.77 -23.14
CA GLU B 12 4.62 3.37 -24.45
C GLU B 12 5.49 3.95 -25.57
N GLY B 13 6.75 4.29 -25.27
CA GLY B 13 7.67 4.86 -26.27
C GLY B 13 8.02 6.32 -26.05
N ASP B 14 7.66 7.20 -26.99
CA ASP B 14 7.86 8.65 -26.86
C ASP B 14 6.69 9.30 -26.08
N SER B 15 5.90 8.47 -25.42
CA SER B 15 4.82 8.90 -24.53
C SER B 15 4.50 7.86 -23.45
N PHE B 16 3.64 8.23 -22.48
CA PHE B 16 3.10 7.31 -21.45
C PHE B 16 1.58 7.20 -21.56
N LEU B 17 1.08 6.01 -21.24
CA LEU B 17 -0.35 5.78 -21.09
C LEU B 17 -0.63 5.91 -19.60
N VAL B 18 -1.51 6.84 -19.24
CA VAL B 18 -1.78 7.17 -17.84
C VAL B 18 -3.22 6.96 -17.55
N LYS B 19 -3.49 6.55 -16.31
CA LYS B 19 -4.84 6.30 -15.86
C LYS B 19 -4.91 6.89 -14.47
N ASP B 20 -5.99 7.61 -14.20
CA ASP B 20 -6.28 8.14 -12.88
C ASP B 20 -7.77 8.00 -12.59
N SER B 21 -8.26 8.54 -11.47
CA SER B 21 -9.67 8.37 -11.12
C SER B 21 -10.68 9.03 -12.11
N ILE B 22 -10.23 9.89 -13.02
CA ILE B 22 -11.15 10.52 -13.98
C ILE B 22 -11.10 9.92 -15.40
N GLY B 23 -10.01 9.25 -15.75
CA GLY B 23 -9.88 8.56 -17.03
C GLY B 23 -8.46 8.25 -17.45
N GLU B 24 -8.29 7.88 -18.74
CA GLU B 24 -7.05 7.48 -19.35
C GLU B 24 -6.55 8.49 -20.36
N ASN B 25 -5.25 8.69 -20.45
CA ASN B 25 -4.73 9.61 -21.46
C ASN B 25 -3.45 9.08 -21.93
N LYS B 26 -3.11 9.50 -23.13
CA LYS B 26 -1.77 9.35 -23.64
C LYS B 26 -1.14 10.73 -23.46
N ILE B 27 -0.09 10.76 -22.65
CA ILE B 27 0.66 11.98 -22.43
C ILE B 27 2.07 11.89 -22.98
N PRO B 28 2.55 12.88 -23.70
CA PRO B 28 3.95 12.71 -24.20
C PRO B 28 5.03 12.70 -23.09
N LYS B 29 6.23 12.19 -23.38
CA LYS B 29 7.37 12.32 -22.47
C LYS B 29 7.81 13.79 -22.54
N ASN B 30 8.22 14.34 -21.42
CA ASN B 30 8.76 15.69 -21.40
CA ASN B 30 8.77 15.70 -21.40
C ASN B 30 7.81 16.70 -22.05
N PRO B 31 6.51 16.71 -21.63
CA PRO B 31 5.52 17.63 -22.26
C PRO B 31 5.95 19.04 -22.13
N SER B 32 5.94 19.76 -23.23
CA SER B 32 6.68 21.01 -23.22
C SER B 32 5.82 22.25 -23.04
N LYS B 33 4.50 22.09 -23.04
CA LYS B 33 3.53 23.21 -22.90
C LYS B 33 2.43 22.73 -21.94
N VAL B 34 2.53 23.04 -20.65
CA VAL B 34 1.61 22.47 -19.68
C VAL B 34 0.78 23.61 -19.12
N VAL B 35 -0.55 23.43 -19.11
CA VAL B 35 -1.41 24.31 -18.37
C VAL B 35 -1.68 23.60 -17.04
N ILE B 36 -1.55 24.33 -15.96
CA ILE B 36 -1.61 23.82 -14.60
C ILE B 36 -2.66 24.62 -13.87
N LEU B 37 -3.71 23.96 -13.45
CA LEU B 37 -4.76 24.58 -12.63
C LEU B 37 -4.62 24.25 -11.12
N ASP B 38 -3.74 23.32 -10.73
CA ASP B 38 -3.52 23.00 -9.30
C ASP B 38 -2.29 23.70 -8.78
N LEU B 39 -2.44 24.51 -7.72
CA LEU B 39 -1.34 25.35 -7.26
C LEU B 39 -0.22 24.55 -6.67
N GLY B 40 -0.57 23.47 -5.98
CA GLY B 40 0.42 22.64 -5.38
C GLY B 40 1.31 22.04 -6.43
N ILE B 41 0.70 21.44 -7.44
CA ILE B 41 1.52 20.86 -8.50
C ILE B 41 2.30 21.95 -9.21
N LEU B 42 1.78 23.17 -9.23
CA LEU B 42 2.56 24.27 -9.80
C LEU B 42 3.86 24.49 -9.03
N ASP B 43 3.76 24.51 -7.69
CA ASP B 43 4.96 24.64 -6.84
C ASP B 43 5.93 23.46 -7.08
N THR B 44 5.35 22.25 -7.28
CA THR B 44 6.17 21.03 -7.61
C THR B 44 6.93 21.21 -8.94
N PHE B 45 6.30 21.80 -9.96
CA PHE B 45 7.03 22.12 -11.18
C PHE B 45 8.28 22.99 -10.94
N ASP B 46 8.13 24.02 -10.10
CA ASP B 46 9.27 24.89 -9.73
C ASP B 46 10.39 24.10 -9.01
N ALA B 47 10.00 23.30 -8.05
CA ALA B 47 10.95 22.50 -7.26
C ALA B 47 11.74 21.58 -8.19
N LEU B 48 11.09 21.01 -9.21
CA LEU B 48 11.80 20.17 -10.17
C LEU B 48 12.49 20.93 -11.28
N LYS B 49 12.46 22.26 -11.25
CA LYS B 49 13.07 23.14 -12.26
C LYS B 49 12.42 23.02 -13.65
N LEU B 50 11.09 22.88 -13.64
CA LEU B 50 10.34 22.72 -14.84
C LEU B 50 9.57 23.93 -15.19
N ASN B 51 10.02 25.10 -14.73
CA ASN B 51 9.24 26.32 -14.88
C ASN B 51 9.00 26.67 -16.34
N ASP B 52 9.97 26.41 -17.24
CA ASP B 52 9.80 26.79 -18.65
C ASP B 52 8.84 25.86 -19.39
N LYS B 53 8.38 24.76 -18.78
CA LYS B 53 7.36 23.90 -19.40
C LYS B 53 5.94 24.45 -19.18
N VAL B 54 5.76 25.40 -18.24
CA VAL B 54 4.47 25.89 -17.87
C VAL B 54 4.12 27.04 -18.83
N VAL B 55 3.00 26.95 -19.54
CA VAL B 55 2.56 27.99 -20.47
C VAL B 55 1.35 28.69 -19.98
N GLY B 56 0.70 28.16 -18.95
CA GLY B 56 -0.47 28.84 -18.38
C GLY B 56 -0.88 28.43 -16.96
N VAL B 57 -1.31 29.39 -16.16
CA VAL B 57 -1.66 29.12 -14.74
C VAL B 57 -2.91 29.92 -14.41
N PRO B 58 -3.48 29.74 -13.24
CA PRO B 58 -4.54 30.67 -12.83
C PRO B 58 -3.99 31.89 -12.10
N ALA B 59 -3.92 33.01 -12.80
CA ALA B 59 -3.67 34.35 -12.23
C ALA B 59 -4.62 34.83 -11.11
N LYS B 60 -5.92 34.57 -11.21
CA LYS B 60 -6.88 34.99 -10.19
C LYS B 60 -6.27 34.81 -8.79
N ASN B 61 -6.08 33.57 -8.38
C ASN B 61 -4.10 34.00 -6.56
N LEU B 62 -3.24 34.07 -7.59
CA LEU B 62 -1.92 33.49 -7.47
C LEU B 62 -1.27 33.88 -6.14
N PRO B 63 -0.88 32.90 -5.33
CA PRO B 63 -0.34 33.30 -3.99
C PRO B 63 1.08 33.87 -3.93
N LYS B 64 1.41 34.40 -2.77
CA LYS B 64 2.65 35.14 -2.59
CA LYS B 64 2.66 35.16 -2.63
C LYS B 64 3.89 34.28 -2.87
N TYR B 65 3.78 32.97 -2.62
CA TYR B 65 4.88 32.02 -2.81
C TYR B 65 5.02 31.44 -4.25
N LEU B 66 4.20 31.93 -5.20
CA LEU B 66 4.18 31.43 -6.60
C LEU B 66 4.29 32.60 -7.59
N GLN B 67 4.85 33.69 -7.10
CA GLN B 67 4.96 34.93 -7.92
C GLN B 67 5.89 34.84 -9.09
N GLN B 68 6.75 33.82 -9.13
CA GLN B 68 7.48 33.47 -10.33
C GLN B 68 6.62 33.04 -11.54
N PHE B 69 5.33 32.83 -11.35
CA PHE B 69 4.43 32.50 -12.42
C PHE B 69 3.46 33.61 -12.75
N LYS B 70 3.69 34.84 -12.23
CA LYS B 70 2.77 35.90 -12.38
C LYS B 70 2.71 36.31 -13.82
N ASN B 71 3.81 36.16 -14.57
CA ASN B 71 3.78 36.57 -16.00
C ASN B 71 3.44 35.50 -17.02
N LYS B 72 2.99 34.36 -16.54
CA LYS B 72 2.31 33.41 -17.43
C LYS B 72 0.90 33.87 -17.79
N PRO B 73 0.45 33.61 -19.02
CA PRO B 73 -0.91 33.85 -19.42
C PRO B 73 -1.87 33.19 -18.46
N SER B 74 -2.91 33.91 -18.10
CA SER B 74 -3.87 33.44 -17.12
C SER B 74 -4.87 32.51 -17.77
N VAL B 75 -5.11 31.38 -17.15
CA VAL B 75 -6.20 30.50 -17.66
C VAL B 75 -7.39 30.58 -16.71
N GLY B 76 -7.41 31.64 -15.89
CA GLY B 76 -8.58 32.01 -15.10
C GLY B 76 -8.32 31.86 -13.63
N GLY B 77 -9.23 31.20 -12.95
CA GLY B 77 -9.14 31.05 -11.53
C GLY B 77 -9.33 29.61 -11.17
N VAL B 78 -9.15 29.36 -9.89
CA VAL B 78 -9.33 28.06 -9.27
C VAL B 78 -10.75 27.54 -9.55
N GLN B 79 -11.74 28.40 -9.23
CA GLN B 79 -13.15 28.14 -9.45
C GLN B 79 -13.64 28.37 -10.86
N GLN B 80 -13.09 29.36 -11.58
CA GLN B 80 -13.59 29.76 -12.92
C GLN B 80 -12.48 29.61 -13.96
N VAL B 81 -12.52 28.49 -14.69
CA VAL B 81 -11.56 28.13 -15.75
C VAL B 81 -11.88 28.87 -17.06
N ASP B 82 -10.88 29.47 -17.71
CA ASP B 82 -11.04 30.12 -19.03
C ASP B 82 -10.67 29.18 -20.22
N PHE B 83 -11.67 28.55 -20.78
CA PHE B 83 -11.48 27.55 -21.83
C PHE B 83 -10.94 28.12 -23.18
N GLU B 84 -11.36 29.32 -23.55
CA GLU B 84 -10.82 30.02 -24.75
C GLU B 84 -9.30 30.18 -24.62
N ALA B 85 -8.89 30.75 -23.49
CA ALA B 85 -7.50 30.99 -23.19
C ALA B 85 -6.70 29.69 -23.11
N ILE B 86 -7.30 28.63 -22.58
CA ILE B 86 -6.63 27.34 -22.62
C ILE B 86 -6.38 26.78 -24.06
N ASN B 87 -7.42 26.87 -24.86
CA ASN B 87 -7.40 26.55 -26.28
C ASN B 87 -6.31 27.31 -27.03
N ALA B 88 -6.25 28.61 -26.78
CA ALA B 88 -5.26 29.54 -27.44
C ALA B 88 -3.85 29.08 -27.19
N LEU B 89 -3.62 28.52 -25.99
CA LEU B 89 -2.28 28.08 -25.59
C LEU B 89 -1.83 26.82 -26.21
N LYS B 90 -2.78 26.04 -26.74
CA LYS B 90 -2.46 24.82 -27.44
C LYS B 90 -1.55 23.88 -26.62
N PRO B 91 -1.96 23.56 -25.39
CA PRO B 91 -1.14 22.73 -24.48
C PRO B 91 -0.89 21.27 -24.92
N ASP B 92 0.25 20.73 -24.58
CA ASP B 92 0.46 19.28 -24.61
C ASP B 92 -0.18 18.52 -23.43
N LEU B 93 -0.49 19.22 -22.33
CA LEU B 93 -0.93 18.60 -21.06
C LEU B 93 -1.64 19.66 -20.24
N ILE B 94 -2.73 19.29 -19.57
CA ILE B 94 -3.48 20.15 -18.64
C ILE B 94 -3.55 19.34 -17.35
N ILE B 95 -3.22 19.96 -16.20
CA ILE B 95 -3.21 19.31 -14.90
C ILE B 95 -4.20 19.98 -13.98
N ILE B 96 -5.05 19.19 -13.33
CA ILE B 96 -6.20 19.71 -12.60
C ILE B 96 -6.29 18.94 -11.27
N SER B 97 -7.00 19.53 -10.30
CA SER B 97 -7.29 18.82 -9.06
C SER B 97 -8.77 18.87 -8.86
N GLY B 98 -9.26 18.54 -7.65
CA GLY B 98 -10.68 18.36 -7.39
C GLY B 98 -11.55 19.54 -7.69
N ARG B 99 -11.05 20.74 -7.53
CA ARG B 99 -11.91 21.91 -7.88
C ARG B 99 -12.23 22.00 -9.41
N GLN B 100 -11.53 21.26 -10.29
CA GLN B 100 -11.80 21.33 -11.72
C GLN B 100 -12.41 20.09 -12.29
N SER B 101 -12.72 19.10 -11.45
CA SER B 101 -13.14 17.81 -12.01
C SER B 101 -14.45 17.96 -12.74
N LYS B 102 -15.30 18.88 -12.33
CA LYS B 102 -16.51 19.21 -13.06
C LYS B 102 -16.19 19.64 -14.53
N PHE B 103 -14.98 20.15 -14.82
CA PHE B 103 -14.57 20.52 -16.22
C PHE B 103 -13.82 19.49 -17.05
N TYR B 104 -13.70 18.28 -16.54
CA TYR B 104 -12.87 17.26 -17.09
C TYR B 104 -13.08 16.91 -18.59
N ASP B 105 -14.32 16.69 -19.01
CA ASP B 105 -14.57 16.23 -20.41
C ASP B 105 -14.19 17.34 -21.39
N LYS B 106 -14.60 18.54 -21.00
CA LYS B 106 -14.36 19.73 -21.75
C LYS B 106 -12.81 20.04 -21.94
N LEU B 107 -12.07 19.80 -20.87
CA LEU B 107 -10.65 20.06 -20.90
C LEU B 107 -9.99 18.98 -21.72
N LYS B 108 -10.43 17.76 -21.53
CA LYS B 108 -9.92 16.62 -22.27
C LYS B 108 -10.10 16.73 -23.83
N GLU B 109 -11.10 17.48 -24.30
CA GLU B 109 -11.22 17.88 -25.72
C GLU B 109 -10.08 18.76 -26.20
N ILE B 110 -9.40 19.49 -25.30
CA ILE B 110 -8.31 20.39 -25.73
C ILE B 110 -6.99 19.62 -25.72
N ALA B 111 -6.71 18.92 -24.63
CA ALA B 111 -5.44 18.23 -24.49
C ALA B 111 -5.59 17.14 -23.49
N PRO B 112 -4.65 16.18 -23.46
CA PRO B 112 -4.55 15.22 -22.40
C PRO B 112 -4.58 15.85 -21.01
N THR B 113 -5.44 15.34 -20.12
CA THR B 113 -5.80 16.04 -18.84
C THR B 113 -5.54 15.03 -17.67
N LEU B 114 -4.50 15.34 -16.84
CA LEU B 114 -4.07 14.55 -15.70
C LEU B 114 -4.72 15.05 -14.40
N PHE B 115 -5.26 14.13 -13.64
CA PHE B 115 -5.88 14.45 -12.36
C PHE B 115 -4.97 14.10 -11.17
N VAL B 116 -4.68 15.13 -10.36
CA VAL B 116 -3.81 15.06 -9.17
C VAL B 116 -4.61 15.50 -7.96
N GLY B 117 -5.76 14.85 -7.75
CA GLY B 117 -6.59 15.14 -6.57
C GLY B 117 -5.87 14.63 -5.36
N LEU B 118 -5.95 15.38 -4.29
CA LEU B 118 -5.46 14.91 -2.99
C LEU B 118 -6.57 14.01 -2.37
N ASP B 119 -6.23 12.76 -2.13
CA ASP B 119 -7.15 11.88 -1.38
C ASP B 119 -7.10 12.23 0.17
N ASN B 120 -8.16 12.87 0.65
CA ASN B 120 -8.32 13.32 2.06
C ASN B 120 -8.25 12.16 3.05
N ALA B 121 -8.42 10.93 2.58
CA ALA B 121 -8.39 9.77 3.46
C ALA B 121 -7.09 9.05 3.37
N ASN B 122 -6.20 9.47 2.45
CA ASN B 122 -4.91 8.83 2.16
C ASN B 122 -3.89 9.90 1.69
N PHE B 123 -3.77 10.96 2.49
CA PHE B 123 -3.07 12.15 2.01
C PHE B 123 -1.69 11.87 1.54
N LEU B 124 -0.89 11.27 2.41
CA LEU B 124 0.51 11.12 2.12
C LEU B 124 0.76 10.26 0.89
N SER B 125 0.04 9.16 0.74
CA SER B 125 0.35 8.30 -0.41
C SER B 125 -0.11 8.96 -1.72
N SER B 126 -1.22 9.68 -1.73
CA SER B 126 -1.66 10.39 -2.93
C SER B 126 -0.65 11.48 -3.33
N PHE B 127 -0.22 12.27 -2.33
CA PHE B 127 0.73 13.35 -2.57
C PHE B 127 1.96 12.76 -3.20
N GLU B 128 2.48 11.71 -2.57
CA GLU B 128 3.67 11.04 -3.09
C GLU B 128 3.49 10.52 -4.56
N ASN B 129 2.36 9.87 -4.79
CA ASN B 129 2.02 9.38 -6.16
C ASN B 129 1.79 10.55 -7.18
N ASN B 130 1.16 11.61 -6.73
CA ASN B 130 0.95 12.76 -7.63
C ASN B 130 2.28 13.36 -8.06
N VAL B 131 3.16 13.62 -7.09
CA VAL B 131 4.52 14.12 -7.35
C VAL B 131 5.40 13.18 -8.22
N LEU B 132 5.50 11.91 -7.87
CA LEU B 132 6.30 10.94 -8.70
C LEU B 132 5.73 10.72 -10.09
N SER B 133 4.42 10.71 -10.24
CA SER B 133 3.88 10.57 -11.62
C SER B 133 4.25 11.75 -12.51
N VAL B 134 4.15 12.99 -11.99
CA VAL B 134 4.66 14.16 -12.69
C VAL B 134 6.17 14.04 -12.97
N ALA B 135 6.97 13.72 -11.97
CA ALA B 135 8.44 13.55 -12.16
C ALA B 135 8.82 12.54 -13.26
N LYS B 136 8.12 11.42 -13.23
CA LYS B 136 8.24 10.32 -14.25
C LYS B 136 8.03 10.86 -15.67
N LEU B 137 7.08 11.77 -15.85
CA LEU B 137 6.95 12.42 -17.18
C LEU B 137 8.23 13.04 -17.72
N TYR B 138 9.08 13.62 -16.84
CA TYR B 138 10.26 14.32 -17.28
C TYR B 138 11.62 13.64 -17.01
N GLY B 139 11.63 12.40 -16.53
CA GLY B 139 12.89 11.72 -16.21
C GLY B 139 13.50 12.09 -14.87
N LEU B 140 12.66 12.49 -13.90
CA LEU B 140 13.12 13.24 -12.67
C LEU B 140 12.74 12.56 -11.34
N GLU B 141 12.49 11.25 -11.34
CA GLU B 141 12.01 10.56 -10.15
C GLU B 141 13.07 10.57 -9.08
N LYS B 142 14.31 10.60 -9.52
CA LYS B 142 15.47 10.55 -8.60
C LYS B 142 15.39 11.81 -7.71
N GLU B 143 15.27 12.96 -8.39
CA GLU B 143 15.22 14.25 -7.74
C GLU B 143 13.93 14.40 -6.92
N ALA B 144 12.81 13.90 -7.43
CA ALA B 144 11.57 13.90 -6.70
C ALA B 144 11.62 13.07 -5.40
N LEU B 145 12.25 11.91 -5.44
CA LEU B 145 12.25 11.00 -4.27
C LEU B 145 12.98 11.57 -3.08
N GLU B 146 14.14 12.20 -3.37
CA GLU B 146 14.96 12.89 -2.35
C GLU B 146 14.17 13.97 -1.64
N LYS B 147 13.40 14.75 -2.41
CA LYS B 147 12.57 15.83 -1.85
C LYS B 147 11.34 15.27 -1.13
N ILE B 148 10.81 14.13 -1.59
CA ILE B 148 9.76 13.46 -0.77
C ILE B 148 10.31 12.96 0.55
N SER B 149 11.47 12.33 0.48
CA SER B 149 12.17 11.84 1.67
C SER B 149 12.34 12.99 2.69
N ASP B 150 12.74 14.19 2.21
CA ASP B 150 12.82 15.35 3.10
C ASP B 150 11.45 15.68 3.75
N ILE B 151 10.33 15.67 3.00
CA ILE B 151 9.03 15.92 3.64
C ILE B 151 8.68 14.85 4.66
N LYS B 152 8.92 13.58 4.33
CA LYS B 152 8.64 12.49 5.28
C LYS B 152 9.41 12.67 6.58
N ASN B 153 10.63 13.11 6.46
CA ASN B 153 11.45 13.36 7.65
C ASN B 153 10.98 14.61 8.43
N GLU B 154 10.54 15.67 7.74
CA GLU B 154 9.87 16.81 8.47
C GLU B 154 8.59 16.38 9.15
N ILE B 155 7.80 15.53 8.50
CA ILE B 155 6.55 15.04 9.15
C ILE B 155 6.87 14.32 10.47
N GLU B 156 7.90 13.49 10.42
CA GLU B 156 8.20 12.68 11.61
C GLU B 156 8.76 13.55 12.74
N LYS B 157 9.58 14.52 12.38
CA LYS B 157 10.14 15.49 13.35
C LYS B 157 8.97 16.22 13.96
N ALA B 158 7.97 16.57 13.15
CA ALA B 158 6.78 17.31 13.65
C ALA B 158 5.81 16.42 14.47
N LYS B 159 5.56 15.20 14.04
CA LYS B 159 4.70 14.28 14.85
C LYS B 159 5.19 14.11 16.31
N SER B 160 6.52 14.06 16.52
CA SER B 160 7.05 13.68 17.85
C SER B 160 6.90 14.79 18.84
N ILE B 161 6.75 16.02 18.33
CA ILE B 161 6.50 17.18 19.13
C ILE B 161 5.03 17.34 19.58
N VAL B 162 4.13 16.64 18.90
CA VAL B 162 2.68 16.71 19.18
C VAL B 162 2.32 16.16 20.54
N ASP B 163 1.43 16.86 21.22
CA ASP B 163 0.99 16.43 22.56
C ASP B 163 -0.02 15.27 22.51
N GLU B 164 0.09 14.32 23.43
CA GLU B 164 -0.83 13.17 23.45
C GLU B 164 -2.23 13.54 23.88
N ASP B 165 -2.37 14.45 24.86
CA ASP B 165 -3.67 14.74 25.49
C ASP B 165 -4.43 15.83 24.71
N LYS B 166 -3.71 16.85 24.23
CA LYS B 166 -4.35 18.03 23.66
C LYS B 166 -5.11 17.76 22.38
N LYS B 167 -6.21 18.50 22.26
CA LYS B 167 -7.12 18.38 21.19
C LYS B 167 -7.31 19.75 20.50
N ALA B 168 -7.46 19.64 19.19
CA ALA B 168 -7.69 20.77 18.24
C ALA B 168 -9.07 20.75 17.54
N LEU B 169 -9.57 21.95 17.24
CA LEU B 169 -10.66 22.19 16.30
C LEU B 169 -10.21 23.02 15.13
N ILE B 170 -10.51 22.56 13.92
CA ILE B 170 -10.27 23.32 12.67
C ILE B 170 -11.53 24.04 12.22
N ILE B 171 -11.43 25.39 12.07
CA ILE B 171 -12.52 26.18 11.62
C ILE B 171 -12.20 27.01 10.40
N LEU B 172 -13.24 27.27 9.64
CA LEU B 172 -13.17 28.08 8.44
C LEU B 172 -14.18 29.19 8.58
N THR B 173 -13.71 30.39 8.24
CA THR B 173 -14.61 31.55 8.34
C THR B 173 -14.81 32.09 6.95
N ASN B 174 -16.06 32.43 6.68
CA ASN B 174 -16.49 32.92 5.37
C ASN B 174 -17.61 33.91 5.63
N SER B 175 -17.41 35.14 5.22
CA SER B 175 -18.14 36.27 5.82
C SER B 175 -18.16 36.10 7.35
N ASN B 176 -19.32 36.23 8.00
CA ASN B 176 -19.38 36.06 9.42
C ASN B 176 -19.75 34.67 9.90
N LYS B 177 -19.73 33.71 8.97
CA LYS B 177 -20.14 32.33 9.23
C LYS B 177 -18.91 31.44 9.55
N ILE B 178 -19.06 30.61 10.58
CA ILE B 178 -18.08 29.64 11.00
C ILE B 178 -18.50 28.25 10.63
N SER B 179 -17.56 27.52 10.08
CA SER B 179 -17.71 26.07 9.87
C SER B 179 -16.56 25.21 10.42
N ALA B 180 -16.86 23.99 10.85
CA ALA B 180 -15.88 23.08 11.44
C ALA B 180 -15.59 21.94 10.55
N PHE B 181 -14.34 21.51 10.64
CA PHE B 181 -13.80 20.51 9.84
C PHE B 181 -13.02 19.55 10.74
N GLY B 182 -13.00 18.27 10.36
CA GLY B 182 -12.33 17.24 11.15
C GLY B 182 -11.39 16.35 10.43
N PRO B 183 -11.08 15.18 11.01
CA PRO B 183 -10.18 14.24 10.33
C PRO B 183 -10.76 13.84 9.02
N GLN B 184 -9.89 13.56 8.07
CA GLN B 184 -10.29 13.15 6.75
C GLN B 184 -11.00 14.26 5.92
N SER B 185 -10.81 15.51 6.33
CA SER B 185 -11.40 16.63 5.60
C SER B 185 -10.32 17.28 4.72
N ARG B 186 -10.70 18.33 4.04
CA ARG B 186 -9.79 19.16 3.25
C ARG B 186 -8.58 19.75 4.07
N PHE B 187 -8.77 19.96 5.36
CA PHE B 187 -7.67 20.39 6.24
C PHE B 187 -7.17 19.25 7.14
N GLY B 188 -7.48 18.02 6.77
CA GLY B 188 -7.29 16.84 7.61
C GLY B 188 -5.90 16.52 8.06
N ILE B 189 -4.92 16.81 7.22
CA ILE B 189 -3.46 16.77 7.48
C ILE B 189 -3.02 17.10 8.93
N ILE B 190 -3.70 18.05 9.55
CA ILE B 190 -3.44 18.45 10.95
C ILE B 190 -3.70 17.24 11.88
N HIS B 191 -4.80 16.56 11.63
CA HIS B 191 -5.14 15.39 12.45
C HIS B 191 -4.49 14.13 11.91
N ASP B 192 -4.61 13.87 10.61
CA ASP B 192 -4.32 12.53 10.12
C ASP B 192 -2.85 12.32 9.80
N VAL B 193 -2.15 13.34 9.36
CA VAL B 193 -0.71 13.20 9.05
C VAL B 193 0.15 13.59 10.25
N LEU B 194 -0.16 14.73 10.86
CA LEU B 194 0.55 15.21 12.06
C LEU B 194 0.09 14.59 13.40
N GLY B 195 -1.05 13.92 13.44
CA GLY B 195 -1.51 13.19 14.62
C GLY B 195 -1.97 14.05 15.79
N ILE B 196 -2.39 15.28 15.52
CA ILE B 196 -2.95 16.17 16.55
C ILE B 196 -4.37 15.67 16.77
N ASN B 197 -4.77 15.50 18.05
CA ASN B 197 -6.06 14.87 18.32
C ASN B 197 -7.18 15.84 17.98
N ALA B 198 -8.30 15.32 17.53
CA ALA B 198 -9.45 16.12 17.21
C ALA B 198 -10.36 16.21 18.40
N VAL B 199 -10.92 17.39 18.71
CA VAL B 199 -11.96 17.52 19.74
C VAL B 199 -13.27 16.86 19.40
N ASP B 200 -13.64 16.81 18.13
CA ASP B 200 -14.91 16.19 17.67
C ASP B 200 -14.51 15.24 16.54
N GLU B 201 -14.24 13.99 16.90
CA GLU B 201 -14.06 12.93 15.88
C GLU B 201 -15.35 12.72 15.04
N ASN B 202 -16.51 13.10 15.56
CA ASN B 202 -17.79 12.86 14.87
C ASN B 202 -18.03 13.76 13.64
N ILE B 203 -17.17 14.75 13.35
CA ILE B 203 -17.36 15.64 12.21
C ILE B 203 -17.01 14.89 10.93
N LYS B 204 -18.02 14.44 10.21
CA LYS B 204 -17.88 13.58 9.01
C LYS B 204 -18.37 14.37 7.78
N VAL B 205 -17.62 15.46 7.52
CA VAL B 205 -17.95 16.47 6.53
C VAL B 205 -17.09 16.32 5.25
N GLY B 206 -17.59 16.94 4.16
CA GLY B 206 -16.98 16.90 2.84
C GLY B 206 -17.07 18.19 2.00
N THR B 207 -16.31 19.21 2.39
CA THR B 207 -16.06 20.36 1.51
C THR B 207 -16.57 21.63 2.16
N ALA B 208 -17.88 21.62 2.46
CA ALA B 208 -18.54 22.75 3.09
C ALA B 208 -18.23 22.80 4.61
N GLY B 209 -18.00 21.63 5.19
CA GLY B 209 -17.80 21.57 6.66
C GLY B 209 -19.11 21.73 7.42
N LYS B 210 -19.03 21.53 8.73
CA LYS B 210 -20.19 21.59 9.61
C LYS B 210 -20.45 23.03 10.15
N SER B 211 -21.68 23.44 10.07
CA SER B 211 -22.10 24.77 10.43
C SER B 211 -22.11 24.92 11.97
N ILE B 212 -21.40 25.91 12.53
CA ILE B 212 -21.20 25.97 14.00
C ILE B 212 -21.26 27.43 14.39
N ASN B 213 -21.30 27.66 15.69
CA ASN B 213 -21.29 28.98 16.28
C ASN B 213 -20.30 28.97 17.47
N SER B 214 -20.17 30.10 18.14
CA SER B 214 -19.25 30.23 19.23
C SER B 214 -19.64 29.38 20.45
N GLU B 215 -20.94 29.19 20.69
CA GLU B 215 -21.35 28.40 21.83
C GLU B 215 -20.86 26.99 21.62
N PHE B 216 -20.85 26.49 20.39
CA PHE B 216 -20.29 25.19 20.08
C PHE B 216 -18.77 25.08 20.39
N ILE B 217 -18.04 26.13 20.05
CA ILE B 217 -16.58 26.15 20.27
C ILE B 217 -16.34 26.06 21.77
N LEU B 218 -16.99 26.91 22.52
CA LEU B 218 -16.95 26.83 24.00
C LEU B 218 -17.35 25.47 24.62
N GLU B 219 -18.32 24.75 24.05
CA GLU B 219 -18.70 23.43 24.59
C GLU B 219 -17.60 22.41 24.32
N LYS B 220 -17.03 22.41 23.11
CA LYS B 220 -15.91 21.56 22.81
C LYS B 220 -14.66 21.99 23.63
N ASN B 221 -14.52 23.27 23.90
CA ASN B 221 -13.45 23.84 24.66
C ASN B 221 -12.07 23.26 24.24
N PRO B 222 -11.68 23.43 22.97
CA PRO B 222 -10.44 22.83 22.45
C PRO B 222 -9.16 23.45 23.01
N ASP B 223 -8.07 22.71 22.98
CA ASP B 223 -6.78 23.26 23.41
C ASP B 223 -6.19 24.18 22.30
N TYR B 224 -6.49 23.87 21.02
CA TYR B 224 -5.94 24.63 19.89
C TYR B 224 -7.13 24.88 18.98
N ILE B 225 -7.26 26.10 18.42
CA ILE B 225 -8.17 26.32 17.33
C ILE B 225 -7.30 26.74 16.11
N PHE B 226 -7.33 25.93 15.05
CA PHE B 226 -6.72 26.31 13.78
C PHE B 226 -7.79 26.96 12.89
N VAL B 227 -7.51 28.19 12.45
CA VAL B 227 -8.46 29.01 11.72
C VAL B 227 -7.99 29.23 10.31
N VAL B 228 -8.83 28.88 9.36
CA VAL B 228 -8.60 29.19 7.94
C VAL B 228 -9.59 30.27 7.53
N ASP B 229 -9.10 31.48 7.29
CA ASP B 229 -9.97 32.59 7.02
C ASP B 229 -10.15 32.81 5.54
N ARG B 230 -11.30 32.43 5.03
CA ARG B 230 -11.52 32.55 3.60
C ARG B 230 -11.81 34.02 3.18
N ASN B 231 -12.18 34.85 4.12
CA ASN B 231 -12.28 36.29 3.85
C ASN B 231 -11.08 36.95 3.19
N VAL B 232 -9.90 36.45 3.56
CA VAL B 232 -8.63 36.94 3.00
C VAL B 232 -8.55 36.65 1.49
N ILE B 233 -8.78 35.41 1.10
CA ILE B 233 -8.85 35.00 -0.32
C ILE B 233 -9.90 35.80 -1.12
N LEU B 234 -11.06 36.06 -0.51
CA LEU B 234 -12.19 36.67 -1.18
C LEU B 234 -12.09 38.17 -1.22
N GLY B 235 -11.21 38.75 -0.41
CA GLY B 235 -11.08 40.18 -0.27
C GLY B 235 -12.20 40.87 0.50
N ASN B 236 -12.97 40.14 1.31
CA ASN B 236 -14.03 40.72 2.13
C ASN B 236 -13.38 41.47 3.25
N LYS B 237 -14.13 42.30 3.95
CA LYS B 237 -13.54 43.11 5.04
C LYS B 237 -13.57 42.30 6.34
N GLU B 238 -14.53 41.39 6.47
CA GLU B 238 -14.64 40.66 7.76
C GLU B 238 -13.39 39.79 7.97
N ARG B 239 -13.01 39.65 9.23
CA ARG B 239 -11.85 38.83 9.59
C ARG B 239 -12.15 37.93 10.74
N ALA B 240 -11.57 36.73 10.68
CA ALA B 240 -11.71 35.78 11.81
C ALA B 240 -11.35 36.38 13.20
N GLN B 241 -10.29 37.20 13.28
CA GLN B 241 -9.90 37.78 14.56
C GLN B 241 -11.07 38.54 15.17
N GLY B 242 -11.82 39.25 14.36
CA GLY B 242 -13.04 39.96 14.76
C GLY B 242 -14.20 39.04 15.13
N ILE B 243 -14.48 38.05 14.28
CA ILE B 243 -15.54 37.07 14.54
C ILE B 243 -15.30 36.29 15.84
N LEU B 244 -14.04 35.94 16.12
CA LEU B 244 -13.69 35.20 17.33
C LEU B 244 -13.47 36.05 18.62
N ASP B 245 -13.58 37.35 18.50
CA ASP B 245 -13.48 38.25 19.64
C ASP B 245 -14.85 38.37 20.28
N ASN B 246 -15.21 37.37 21.07
CA ASN B 246 -16.47 37.38 21.80
C ASN B 246 -16.24 36.66 23.12
N ALA B 247 -17.17 36.83 24.05
CA ALA B 247 -17.05 36.28 25.42
C ALA B 247 -17.02 34.77 25.52
N LEU B 248 -17.63 34.08 24.55
CA LEU B 248 -17.65 32.62 24.58
C LEU B 248 -16.29 32.09 24.15
N VAL B 249 -15.78 32.58 23.02
CA VAL B 249 -14.48 32.10 22.60
C VAL B 249 -13.41 32.46 23.62
N ALA B 250 -13.49 33.65 24.21
CA ALA B 250 -12.49 34.04 25.24
C ALA B 250 -12.34 33.09 26.45
N LYS B 251 -13.39 32.38 26.85
CA LYS B 251 -13.35 31.38 27.98
C LYS B 251 -12.65 30.07 27.66
N THR B 252 -12.40 29.86 26.40
CA THR B 252 -11.88 28.63 25.93
C THR B 252 -10.35 28.47 26.27
N LYS B 253 -9.89 27.26 26.50
CA LYS B 253 -8.43 26.95 26.74
C LYS B 253 -7.51 27.46 25.58
N ALA B 254 -7.92 27.24 24.34
CA ALA B 254 -7.20 27.86 23.19
C ALA B 254 -7.03 29.38 23.34
N ALA B 255 -8.10 30.09 23.69
CA ALA B 255 -8.07 31.52 23.75
C ALA B 255 -7.17 31.91 24.97
N GLN B 256 -7.30 31.17 26.06
CA GLN B 256 -6.56 31.56 27.30
C GLN B 256 -5.03 31.32 27.15
N ASN B 257 -4.66 30.27 26.42
CA ASN B 257 -3.26 29.95 26.17
C ASN B 257 -2.68 30.58 24.87
N LYS B 258 -3.45 31.46 24.24
CA LYS B 258 -3.12 32.08 22.92
C LYS B 258 -2.73 31.02 21.88
N LYS B 259 -3.64 30.07 21.74
CA LYS B 259 -3.52 29.00 20.81
C LYS B 259 -4.67 29.06 19.82
N ILE B 260 -5.08 30.24 19.48
CA ILE B 260 -5.85 30.44 18.26
C ILE B 260 -4.87 30.80 17.18
N ILE B 261 -4.80 29.94 16.18
CA ILE B 261 -3.71 29.95 15.21
C ILE B 261 -4.36 30.29 13.87
N TYR B 262 -3.95 31.40 13.33
CA TYR B 262 -4.48 31.84 12.01
C TYR B 262 -3.61 31.26 10.92
N LEU B 263 -4.09 30.21 10.28
CA LEU B 263 -3.33 29.57 9.24
C LEU B 263 -3.35 30.38 7.97
N ASP B 264 -2.26 30.36 7.23
CA ASP B 264 -2.26 31.13 5.97
C ASP B 264 -3.22 30.53 4.93
N PRO B 265 -4.32 31.23 4.60
CA PRO B 265 -5.25 30.59 3.68
C PRO B 265 -4.75 30.39 2.25
N GLU B 266 -3.66 31.09 1.82
CA GLU B 266 -3.08 30.82 0.51
C GLU B 266 -2.37 29.48 0.36
N TYR B 267 -2.12 28.79 1.47
CA TYR B 267 -1.75 27.39 1.50
C TYR B 267 -2.93 26.44 1.79
N TRP B 268 -3.68 26.74 2.85
CA TRP B 268 -4.70 25.79 3.37
C TRP B 268 -5.99 25.80 2.59
N PHE B 269 -6.45 26.96 2.18
CA PHE B 269 -7.71 27.01 1.47
C PHE B 269 -7.50 26.71 -0.02
N LEU B 270 -6.44 27.27 -0.60
CA LEU B 270 -6.13 27.00 -2.00
C LEU B 270 -5.61 25.60 -2.15
N ALA B 271 -5.24 24.98 -1.01
CA ALA B 271 -4.91 23.56 -0.92
C ALA B 271 -3.72 23.24 -1.83
N SER B 272 -2.54 23.65 -1.40
CA SER B 272 -1.33 23.48 -2.12
C SER B 272 -0.50 22.26 -1.61
N GLY B 273 -1.19 21.26 -1.09
CA GLY B 273 -0.55 20.07 -0.57
C GLY B 273 0.21 19.23 -1.57
N ASN B 274 -0.01 19.41 -2.87
CA ASN B 274 0.82 18.76 -3.89
C ASN B 274 2.18 19.38 -4.10
N GLY B 275 2.45 20.51 -3.43
CA GLY B 275 3.74 21.14 -3.53
C GLY B 275 4.87 20.58 -2.71
N LEU B 276 5.97 20.30 -3.36
CA LEU B 276 7.17 19.80 -2.71
C LEU B 276 7.76 20.82 -1.71
N GLU B 277 7.57 22.12 -1.95
CA GLU B 277 7.92 23.11 -0.99
C GLU B 277 6.74 23.57 -0.15
N SER B 278 5.59 23.76 -0.78
CA SER B 278 4.46 24.28 -0.05
C SER B 278 3.95 23.33 0.99
N LEU B 279 3.99 22.02 0.73
CA LEU B 279 3.58 21.09 1.79
C LEU B 279 4.52 21.19 3.01
N LYS B 280 5.83 21.35 2.73
CA LYS B 280 6.83 21.50 3.78
C LYS B 280 6.57 22.72 4.65
N THR B 281 6.29 23.83 4.00
CA THR B 281 5.85 25.05 4.70
C THR B 281 4.65 24.88 5.61
N MET B 282 3.65 24.18 5.16
CA MET B 282 2.44 23.95 5.95
C MET B 282 2.75 23.03 7.15
N ILE B 283 3.53 21.98 6.96
CA ILE B 283 3.95 21.10 8.09
CA ILE B 283 3.92 21.12 8.10
C ILE B 283 4.67 21.94 9.17
N LEU B 284 5.62 22.74 8.73
CA LEU B 284 6.34 23.65 9.68
C LEU B 284 5.45 24.70 10.32
N GLU B 285 4.43 25.21 9.65
CA GLU B 285 3.50 26.13 10.25
C GLU B 285 2.78 25.43 11.40
N ILE B 286 2.38 24.16 11.21
CA ILE B 286 1.72 23.45 12.32
C ILE B 286 2.74 23.20 13.47
N LYS B 287 3.89 22.70 13.13
CA LYS B 287 4.92 22.33 14.16
C LYS B 287 5.23 23.51 15.02
N ASN B 288 5.48 24.66 14.39
CA ASN B 288 5.81 25.89 15.13
C ASN B 288 4.66 26.46 15.93
N ALA B 289 3.42 26.10 15.59
CA ALA B 289 2.24 26.51 16.34
C ALA B 289 1.96 25.69 17.58
N VAL B 290 2.33 24.41 17.60
CA VAL B 290 2.13 23.55 18.79
C VAL B 290 3.43 23.16 19.52
N LYS B 291 4.60 23.61 19.07
CA LYS B 291 5.83 23.21 19.80
C LYS B 291 7.13 23.38 19.02
N MET C 4 -2.62 -10.62 -25.36
CA MET C 4 -3.01 -11.79 -24.51
C MET C 4 -2.44 -13.13 -24.90
N LEU C 5 -1.21 -13.38 -24.49
CA LEU C 5 -0.71 -14.76 -24.43
C LEU C 5 -1.38 -15.49 -23.28
N PRO C 6 -1.56 -16.81 -23.41
CA PRO C 6 -1.92 -17.54 -22.23
C PRO C 6 -0.69 -17.79 -21.36
N ILE C 7 -0.98 -18.17 -20.12
CA ILE C 7 0.04 -18.52 -19.16
C ILE C 7 0.60 -19.85 -19.56
N SER C 8 1.92 -19.99 -19.52
CA SER C 8 2.57 -21.34 -19.65
C SER C 8 3.68 -21.48 -18.57
N MET C 9 4.01 -22.72 -18.26
CA MET C 9 4.73 -23.12 -17.05
C MET C 9 5.64 -24.31 -17.34
N SER C 10 6.88 -24.17 -16.91
CA SER C 10 7.93 -25.15 -17.05
C SER C 10 8.36 -25.59 -15.63
N ASP C 11 8.36 -26.87 -15.38
CA ASP C 11 8.69 -27.41 -14.10
C ASP C 11 10.21 -27.36 -13.90
N GLU C 12 10.63 -26.72 -12.82
CA GLU C 12 12.05 -26.68 -12.48
C GLU C 12 12.27 -27.35 -11.10
N GLY C 13 11.38 -28.29 -10.76
CA GLY C 13 11.44 -29.13 -9.55
C GLY C 13 10.79 -28.46 -8.35
N ASP C 14 11.49 -27.45 -7.91
CA ASP C 14 11.26 -26.54 -6.79
C ASP C 14 10.20 -25.41 -7.03
N SER C 15 10.17 -25.04 -8.29
CA SER C 15 9.45 -23.90 -8.78
C SER C 15 9.01 -24.20 -10.23
N PHE C 16 8.28 -23.24 -10.76
CA PHE C 16 7.88 -23.29 -12.12
C PHE C 16 8.43 -22.03 -12.69
N LEU C 17 8.85 -22.10 -13.94
CA LEU C 17 9.15 -20.92 -14.72
C LEU C 17 7.88 -20.65 -15.53
N VAL C 18 7.36 -19.45 -15.39
CA VAL C 18 5.98 -19.16 -15.76
C VAL C 18 6.02 -17.94 -16.65
N LYS C 19 5.43 -18.03 -17.86
CA LYS C 19 5.36 -16.89 -18.78
C LYS C 19 3.89 -16.52 -18.95
N ASP C 20 3.59 -15.26 -19.00
CA ASP C 20 2.21 -14.81 -19.22
C ASP C 20 2.32 -13.58 -20.06
N SER C 21 1.22 -12.87 -20.30
CA SER C 21 1.33 -11.76 -21.23
C SER C 21 2.18 -10.61 -20.79
N LEU C 22 2.43 -10.45 -19.48
CA LEU C 22 3.21 -9.34 -19.05
C LEU C 22 4.72 -9.62 -18.94
N GLY C 23 5.12 -10.88 -18.91
CA GLY C 23 6.47 -11.22 -18.54
C GLY C 23 6.62 -12.60 -18.00
N GLU C 24 7.74 -12.80 -17.37
CA GLU C 24 8.27 -14.09 -17.00
C GLU C 24 8.66 -14.03 -15.50
N ASN C 25 8.43 -15.10 -14.74
CA ASN C 25 8.81 -15.14 -13.30
C ASN C 25 9.16 -16.56 -12.92
N LYS C 26 10.03 -16.70 -11.91
CA LYS C 26 10.20 -17.95 -11.20
C LYS C 26 9.15 -17.98 -10.08
N ILE C 27 8.27 -18.97 -10.05
CA ILE C 27 7.25 -19.02 -9.01
C ILE C 27 7.46 -20.28 -8.24
N PRO C 28 7.63 -20.16 -6.91
CA PRO C 28 7.76 -21.45 -6.19
C PRO C 28 6.48 -22.26 -6.20
N LYS C 29 6.65 -23.56 -6.09
CA LYS C 29 5.55 -24.45 -5.82
C LYS C 29 4.97 -24.24 -4.44
N ASN C 30 3.67 -24.39 -4.33
CA ASN C 30 2.98 -24.24 -3.09
C ASN C 30 3.33 -22.88 -2.40
N PRO C 31 3.20 -21.73 -3.12
CA PRO C 31 3.50 -20.43 -2.44
C PRO C 31 2.67 -20.21 -1.17
N SER C 32 3.30 -19.71 -0.09
CA SER C 32 2.64 -19.63 1.21
C SER C 32 2.27 -18.18 1.65
N LYS C 33 2.60 -17.17 0.87
CA LYS C 33 2.45 -15.76 1.22
C LYS C 33 2.01 -15.07 -0.09
N VAL C 34 0.75 -15.23 -0.45
CA VAL C 34 0.25 -14.75 -1.70
C VAL C 34 -0.62 -13.55 -1.52
N VAL C 35 -0.24 -12.48 -2.23
CA VAL C 35 -1.04 -11.27 -2.22
C VAL C 35 -1.89 -11.32 -3.53
N ILE C 36 -3.22 -11.15 -3.37
CA ILE C 36 -4.16 -11.26 -4.49
C ILE C 36 -4.92 -9.94 -4.69
N LEU C 37 -4.76 -9.37 -5.85
CA LEU C 37 -5.46 -8.16 -6.25
C LEU C 37 -6.63 -8.36 -7.15
N ASP C 38 -6.71 -9.51 -7.83
CA ASP C 38 -7.84 -9.88 -8.66
C ASP C 38 -8.89 -10.62 -7.81
N LEU C 39 -10.09 -10.05 -7.70
CA LEU C 39 -11.20 -10.64 -6.95
C LEU C 39 -11.63 -12.03 -7.45
N GLY C 40 -11.68 -12.25 -8.77
CA GLY C 40 -12.02 -13.55 -9.29
C GLY C 40 -11.08 -14.65 -8.82
N ILE C 41 -9.76 -14.42 -8.94
CA ILE C 41 -8.85 -15.50 -8.57
C ILE C 41 -8.84 -15.75 -7.04
N LEU C 42 -9.18 -14.72 -6.26
CA LEU C 42 -9.27 -14.80 -4.82
C LEU C 42 -10.45 -15.75 -4.50
N ASP C 43 -11.54 -15.57 -5.23
CA ASP C 43 -12.65 -16.54 -5.13
C ASP C 43 -12.26 -17.99 -5.49
N THR C 44 -11.40 -18.13 -6.50
CA THR C 44 -10.87 -19.40 -6.89
C THR C 44 -9.96 -20.04 -5.82
N PHE C 45 -9.20 -19.20 -5.09
CA PHE C 45 -8.40 -19.65 -3.97
C PHE C 45 -9.35 -20.23 -2.94
N ASP C 46 -10.39 -19.50 -2.59
CA ASP C 46 -11.38 -20.08 -1.72
C ASP C 46 -11.98 -21.43 -2.18
N ALA C 47 -12.38 -21.50 -3.45
CA ALA C 47 -12.95 -22.71 -4.02
C ALA C 47 -12.03 -23.95 -3.96
N LEU C 48 -10.74 -23.74 -4.15
CA LEU C 48 -9.69 -24.78 -4.03
C LEU C 48 -9.13 -25.00 -2.60
N LYS C 49 -9.74 -24.34 -1.62
CA LYS C 49 -9.46 -24.34 -0.19
C LYS C 49 -8.04 -23.92 0.18
N LEU C 50 -7.62 -22.84 -0.47
CA LEU C 50 -6.28 -22.31 -0.38
C LEU C 50 -6.23 -20.98 0.37
N ASN C 51 -7.22 -20.77 1.21
CA ASN C 51 -7.38 -19.55 2.00
C ASN C 51 -6.12 -19.27 2.86
N ASP C 52 -5.52 -20.30 3.47
CA ASP C 52 -4.38 -20.11 4.30
C ASP C 52 -3.10 -19.70 3.55
N LYS C 53 -3.12 -19.72 2.23
CA LYS C 53 -1.96 -19.29 1.46
C LYS C 53 -1.99 -17.77 1.19
N VAL C 54 -3.17 -17.14 1.39
CA VAL C 54 -3.39 -15.73 1.13
C VAL C 54 -2.99 -14.87 2.31
N VAL C 55 -2.09 -13.91 2.11
CA VAL C 55 -1.62 -12.98 3.14
C VAL C 55 -2.04 -11.54 2.92
N GLY C 56 -2.59 -11.20 1.76
CA GLY C 56 -3.11 -9.85 1.59
C GLY C 56 -4.17 -9.77 0.53
N VAL C 57 -5.20 -9.00 0.80
CA VAL C 57 -6.26 -8.83 -0.14
C VAL C 57 -6.65 -7.35 -0.14
N PRO C 58 -7.39 -6.94 -1.15
CA PRO C 58 -7.94 -5.52 -1.07
C PRO C 58 -9.11 -5.45 -0.15
N ALA C 59 -8.86 -5.35 1.16
CA ALA C 59 -9.95 -5.49 2.18
C ALA C 59 -10.85 -4.27 2.37
N LYS C 60 -10.43 -3.11 1.85
CA LYS C 60 -11.19 -1.86 1.95
C LYS C 60 -12.50 -1.99 1.19
N ASN C 61 -13.56 -2.15 1.97
C ASN C 61 -15.40 -3.73 0.24
N LEU C 62 -14.58 -4.72 0.60
CA LEU C 62 -14.47 -6.00 -0.13
C LEU C 62 -15.92 -6.48 -0.33
N PRO C 63 -16.29 -7.00 -1.51
CA PRO C 63 -17.72 -7.40 -1.70
C PRO C 63 -18.17 -8.51 -0.78
N LYS C 64 -19.47 -8.54 -0.44
CA LYS C 64 -19.98 -9.60 0.45
C LYS C 64 -19.61 -11.07 0.09
N TYR C 65 -19.55 -11.36 -1.21
CA TYR C 65 -19.23 -12.74 -1.66
C TYR C 65 -17.78 -13.16 -1.32
N LEU C 66 -16.99 -12.20 -0.87
CA LEU C 66 -15.57 -12.49 -0.44
C LEU C 66 -15.29 -12.10 1.02
N GLN C 67 -16.35 -11.97 1.82
CA GLN C 67 -16.25 -11.48 3.22
C GLN C 67 -15.44 -12.46 4.15
N GLN C 68 -15.34 -13.72 3.77
CA GLN C 68 -14.47 -14.60 4.49
C GLN C 68 -12.99 -14.16 4.45
N PHE C 69 -12.61 -13.19 3.63
CA PHE C 69 -11.25 -12.71 3.55
C PHE C 69 -11.15 -11.35 4.27
N LYS C 70 -12.18 -10.94 5.02
CA LYS C 70 -12.22 -9.55 5.54
C LYS C 70 -11.20 -9.32 6.64
N ASN C 71 -10.68 -10.40 7.23
CA ASN C 71 -9.65 -10.27 8.28
C ASN C 71 -8.23 -10.52 7.79
N LYS C 72 -8.02 -10.75 6.48
CA LYS C 72 -6.67 -10.74 5.92
C LYS C 72 -6.03 -9.37 5.98
N PRO C 73 -4.66 -9.29 6.02
CA PRO C 73 -4.02 -8.01 5.92
C PRO C 73 -4.46 -7.26 4.69
N SER C 74 -4.74 -5.95 4.82
CA SER C 74 -5.28 -5.23 3.70
C SER C 74 -4.18 -4.62 2.83
N VAL C 75 -4.29 -4.73 1.53
CA VAL C 75 -3.35 -4.08 0.59
C VAL C 75 -4.06 -3.07 -0.30
N GLY C 76 -5.23 -2.56 0.16
CA GLY C 76 -6.02 -1.55 -0.57
C GLY C 76 -7.50 -1.87 -0.73
N GLY C 77 -8.06 -1.56 -1.90
CA GLY C 77 -9.52 -1.66 -2.12
C GLY C 77 -9.86 -1.85 -3.58
N VAL C 78 -11.14 -1.64 -3.87
CA VAL C 78 -11.70 -1.50 -5.22
C VAL C 78 -10.71 -0.84 -6.26
N GLN C 79 -10.23 0.38 -6.00
CA GLN C 79 -9.23 1.03 -6.87
C GLN C 79 -7.80 1.25 -6.27
N GLN C 80 -7.76 1.47 -4.96
CA GLN C 80 -6.55 1.92 -4.23
C GLN C 80 -5.62 0.73 -3.88
N VAL C 81 -4.40 0.72 -4.44
CA VAL C 81 -3.37 -0.36 -4.28
C VAL C 81 -2.22 0.17 -3.41
N ASP C 82 -2.07 -0.36 -2.18
CA ASP C 82 -1.12 0.17 -1.18
C ASP C 82 0.20 -0.58 -1.30
N PHE C 83 1.12 0.02 -2.05
CA PHE C 83 2.41 -0.61 -2.30
C PHE C 83 3.28 -0.85 -1.05
N GLU C 84 3.22 0.06 -0.09
CA GLU C 84 4.01 -0.01 1.10
C GLU C 84 3.50 -1.22 1.88
N ALA C 85 2.17 -1.38 1.94
CA ALA C 85 1.62 -2.56 2.65
C ALA C 85 2.03 -3.89 1.96
N ILE C 86 1.99 -3.93 0.62
CA ILE C 86 2.38 -5.09 -0.12
C ILE C 86 3.81 -5.43 0.23
N ASN C 87 4.67 -4.44 0.13
CA ASN C 87 6.09 -4.67 0.40
C ASN C 87 6.31 -5.20 1.84
N ALA C 88 5.59 -4.65 2.81
CA ALA C 88 5.83 -5.02 4.19
C ALA C 88 5.44 -6.49 4.47
N LEU C 89 4.47 -7.02 3.70
CA LEU C 89 4.00 -8.41 3.86
C LEU C 89 5.05 -9.38 3.35
N LYS C 90 5.99 -8.93 2.51
CA LYS C 90 7.05 -9.82 1.92
C LYS C 90 6.45 -11.05 1.27
N PRO C 91 5.55 -10.85 0.28
CA PRO C 91 4.87 -12.02 -0.34
C PRO C 91 5.84 -12.80 -1.19
N ASP C 92 5.49 -14.06 -1.42
CA ASP C 92 6.24 -14.90 -2.37
C ASP C 92 5.63 -14.91 -3.76
N LEU C 93 4.41 -14.37 -3.90
CA LEU C 93 3.69 -14.27 -5.17
C LEU C 93 2.60 -13.17 -5.00
N ILE C 94 2.48 -12.31 -6.03
CA ILE C 94 1.43 -11.36 -6.26
C ILE C 94 0.68 -11.75 -7.53
N ILE C 95 -0.66 -11.79 -7.43
CA ILE C 95 -1.51 -12.15 -8.56
C ILE C 95 -2.42 -10.93 -8.88
N ILE C 96 -2.38 -10.51 -10.14
CA ILE C 96 -3.12 -9.40 -10.66
C ILE C 96 -3.95 -9.80 -11.92
N SER C 97 -5.00 -9.00 -12.18
CA SER C 97 -5.65 -9.35 -13.56
CA SER C 97 -6.06 -8.94 -13.17
C SER C 97 -5.69 -8.03 -14.32
N GLY C 98 -6.53 -7.92 -15.35
CA GLY C 98 -6.45 -6.71 -16.19
C GLY C 98 -6.72 -5.35 -15.51
N ARG C 99 -7.63 -5.27 -14.54
CA ARG C 99 -7.74 -4.02 -13.77
C ARG C 99 -6.37 -3.49 -13.24
N GLN C 100 -5.39 -4.36 -12.97
CA GLN C 100 -4.07 -3.94 -12.39
C GLN C 100 -2.80 -3.87 -13.27
N SER C 101 -2.91 -4.09 -14.56
CA SER C 101 -1.69 -4.23 -15.41
C SER C 101 -0.62 -3.11 -15.39
N LYS C 102 -1.02 -1.85 -15.27
CA LYS C 102 -0.01 -0.76 -15.26
C LYS C 102 0.69 -0.68 -13.91
N PHE C 103 0.33 -1.54 -12.93
CA PHE C 103 1.13 -1.65 -11.70
C PHE C 103 2.24 -2.68 -11.76
N TYR C 104 2.30 -3.45 -12.85
CA TYR C 104 3.14 -4.65 -12.95
C TYR C 104 4.56 -4.42 -12.60
N ASP C 105 5.21 -3.47 -13.24
CA ASP C 105 6.64 -3.21 -12.95
C ASP C 105 6.95 -3.00 -11.44
N LYS C 106 6.14 -2.14 -10.85
CA LYS C 106 6.22 -1.80 -9.41
C LYS C 106 6.04 -3.04 -8.54
N LEU C 107 5.01 -3.82 -8.85
CA LEU C 107 4.71 -5.06 -8.10
C LEU C 107 5.87 -6.11 -8.25
N LYS C 108 6.39 -6.27 -9.48
CA LYS C 108 7.40 -7.27 -9.81
C LYS C 108 8.71 -7.04 -9.09
N GLU C 109 9.00 -5.80 -8.71
CA GLU C 109 10.18 -5.54 -7.88
C GLU C 109 9.99 -6.02 -6.42
N ILE C 110 8.74 -6.07 -5.91
CA ILE C 110 8.44 -6.70 -4.63
C ILE C 110 8.49 -8.20 -4.66
N ALA C 111 7.81 -8.85 -5.63
CA ALA C 111 7.76 -10.29 -5.71
C ALA C 111 7.36 -10.70 -7.10
N PRO C 112 7.57 -11.99 -7.46
CA PRO C 112 7.03 -12.61 -8.65
C PRO C 112 5.53 -12.31 -8.77
N THR C 113 5.15 -11.86 -9.95
CA THR C 113 3.83 -11.24 -10.13
C THR C 113 3.18 -11.91 -11.34
N LEU C 114 2.10 -12.63 -11.09
CA LEU C 114 1.42 -13.43 -12.09
C LEU C 114 0.18 -12.68 -12.56
N PHE C 115 0.05 -12.60 -13.87
CA PHE C 115 -1.07 -11.96 -14.59
C PHE C 115 -2.05 -12.99 -15.03
N VAL C 116 -3.29 -12.85 -14.52
CA VAL C 116 -4.39 -13.73 -14.87
C VAL C 116 -5.45 -12.87 -15.59
N GLY C 117 -5.05 -12.21 -16.67
CA GLY C 117 -6.00 -11.52 -17.53
C GLY C 117 -6.94 -12.48 -18.26
N LEU C 118 -8.16 -12.04 -18.47
CA LEU C 118 -9.14 -12.72 -19.23
C LEU C 118 -9.08 -12.17 -20.66
N ASP C 119 -8.92 -13.07 -21.63
CA ASP C 119 -8.96 -12.70 -23.06
C ASP C 119 -10.44 -12.54 -23.49
N ASN C 120 -10.84 -11.36 -23.85
CA ASN C 120 -12.21 -11.11 -24.40
C ASN C 120 -12.58 -11.90 -25.71
N ALA C 121 -11.56 -12.24 -26.51
CA ALA C 121 -11.68 -13.12 -27.67
C ALA C 121 -11.92 -14.57 -27.38
N ASN C 122 -11.41 -15.09 -26.27
CA ASN C 122 -11.45 -16.55 -25.98
C ASN C 122 -11.72 -16.78 -24.48
N PHE C 123 -12.89 -16.33 -24.03
CA PHE C 123 -13.14 -16.15 -22.65
C PHE C 123 -12.98 -17.46 -21.87
N LEU C 124 -13.59 -18.52 -22.35
CA LEU C 124 -13.56 -19.79 -21.67
C LEU C 124 -12.19 -20.48 -21.65
N SER C 125 -11.40 -20.33 -22.69
CA SER C 125 -10.10 -21.00 -22.69
C SER C 125 -9.12 -20.22 -21.82
N SER C 126 -9.28 -18.89 -21.76
CA SER C 126 -8.42 -18.13 -20.86
C SER C 126 -8.85 -18.31 -19.38
N PHE C 127 -10.17 -18.43 -19.10
CA PHE C 127 -10.69 -18.68 -17.76
C PHE C 127 -10.08 -19.96 -17.25
N GLU C 128 -10.20 -20.96 -18.10
CA GLU C 128 -9.64 -22.28 -17.89
C GLU C 128 -8.14 -22.27 -17.59
N ASN C 129 -7.38 -21.60 -18.45
CA ASN C 129 -5.95 -21.46 -18.32
C ASN C 129 -5.51 -20.76 -16.99
N ASN C 130 -6.22 -19.72 -16.60
CA ASN C 130 -5.94 -18.98 -15.37
C ASN C 130 -6.13 -19.86 -14.15
N VAL C 131 -7.29 -20.53 -14.04
CA VAL C 131 -7.61 -21.43 -12.94
CA VAL C 131 -7.55 -21.35 -12.89
C VAL C 131 -6.66 -22.61 -12.86
N LEU C 132 -6.39 -23.25 -14.01
CA LEU C 132 -5.55 -24.44 -14.05
C LEU C 132 -4.13 -24.08 -13.75
N SER C 133 -3.66 -22.94 -14.23
CA SER C 133 -2.32 -22.50 -13.89
C SER C 133 -2.17 -22.24 -12.36
N VAL C 134 -3.13 -21.57 -11.76
CA VAL C 134 -3.08 -21.37 -10.32
C VAL C 134 -3.09 -22.74 -9.61
N ALA C 135 -3.99 -23.64 -10.02
CA ALA C 135 -4.16 -24.92 -9.36
C ALA C 135 -2.90 -25.78 -9.51
N LYS C 136 -2.21 -25.59 -10.59
CA LYS C 136 -1.02 -26.39 -10.84
C LYS C 136 0.08 -25.99 -9.83
N LEU C 137 0.11 -24.73 -9.36
CA LEU C 137 1.05 -24.30 -8.29
C LEU C 137 0.99 -25.17 -7.08
N TYR C 138 -0.21 -25.66 -6.76
CA TYR C 138 -0.50 -26.47 -5.59
C TYR C 138 -0.80 -27.91 -5.86
N GLY C 139 -0.64 -28.35 -7.13
CA GLY C 139 -0.92 -29.77 -7.50
C GLY C 139 -2.42 -30.11 -7.43
N LEU C 140 -3.29 -29.13 -7.67
CA LEU C 140 -4.78 -29.25 -7.56
C LEU C 140 -5.46 -29.28 -8.95
N GLU C 141 -4.73 -29.64 -10.00
CA GLU C 141 -5.32 -29.55 -11.35
CA GLU C 141 -5.30 -29.56 -11.36
C GLU C 141 -6.57 -30.41 -11.49
N LYS C 142 -6.54 -31.61 -10.90
CA LYS C 142 -7.66 -32.56 -11.04
C LYS C 142 -8.92 -32.04 -10.37
N GLU C 143 -8.74 -31.37 -9.24
CA GLU C 143 -9.82 -30.75 -8.46
C GLU C 143 -10.40 -29.54 -9.22
N ALA C 144 -9.52 -28.75 -9.80
CA ALA C 144 -9.94 -27.61 -10.62
C ALA C 144 -10.67 -28.01 -11.89
N LEU C 145 -10.23 -29.10 -12.51
CA LEU C 145 -10.95 -29.65 -13.65
C LEU C 145 -12.41 -30.08 -13.38
N GLU C 146 -12.67 -30.71 -12.23
CA GLU C 146 -14.01 -31.09 -11.86
C GLU C 146 -14.82 -29.78 -11.65
N LYS C 147 -14.20 -28.75 -11.07
CA LYS C 147 -14.96 -27.54 -10.83
C LYS C 147 -15.22 -26.79 -12.11
N ILE C 148 -14.34 -26.91 -13.07
CA ILE C 148 -14.55 -26.29 -14.39
C ILE C 148 -15.67 -27.00 -15.15
N SER C 149 -15.72 -28.32 -15.02
CA SER C 149 -16.76 -29.16 -15.55
C SER C 149 -18.12 -28.74 -14.98
N ASP C 150 -18.20 -28.41 -13.70
CA ASP C 150 -19.45 -27.89 -13.11
C ASP C 150 -19.88 -26.58 -13.78
N ILE C 151 -18.92 -25.73 -14.08
CA ILE C 151 -19.25 -24.48 -14.70
C ILE C 151 -19.79 -24.73 -16.11
N LYS C 152 -19.17 -25.64 -16.86
CA LYS C 152 -19.68 -25.97 -18.23
C LYS C 152 -21.11 -26.50 -18.16
N ASN C 153 -21.41 -27.34 -17.19
CA ASN C 153 -22.80 -27.77 -16.98
C ASN C 153 -23.77 -26.59 -16.71
N GLU C 154 -23.34 -25.60 -15.93
CA GLU C 154 -24.15 -24.41 -15.62
C GLU C 154 -24.38 -23.57 -16.83
N ILE C 155 -23.36 -23.47 -17.70
CA ILE C 155 -23.45 -22.76 -18.96
C ILE C 155 -24.50 -23.45 -19.85
N GLU C 156 -24.51 -24.80 -19.87
CA GLU C 156 -25.48 -25.52 -20.68
C GLU C 156 -26.91 -25.33 -20.19
N LYS C 157 -27.11 -25.22 -18.90
CA LYS C 157 -28.44 -24.94 -18.39
C LYS C 157 -28.87 -23.59 -18.79
N ALA C 158 -27.98 -22.62 -18.76
CA ALA C 158 -28.31 -21.24 -19.07
C ALA C 158 -28.64 -21.03 -20.53
N LYS C 159 -27.89 -21.68 -21.40
CA LYS C 159 -28.09 -21.53 -22.85
C LYS C 159 -29.44 -22.10 -23.27
N SER C 160 -29.80 -23.21 -22.68
CA SER C 160 -31.05 -23.90 -22.94
C SER C 160 -32.34 -23.05 -22.78
N ILE C 161 -32.22 -21.87 -22.20
CA ILE C 161 -33.33 -21.07 -21.74
C ILE C 161 -33.41 -19.79 -22.56
N VAL C 162 -32.43 -19.54 -23.43
CA VAL C 162 -32.29 -18.25 -24.14
C VAL C 162 -33.18 -18.25 -25.37
N ASP C 163 -33.91 -17.17 -25.59
CA ASP C 163 -34.84 -17.09 -26.70
C ASP C 163 -34.07 -16.70 -27.98
N GLU C 164 -34.11 -17.56 -29.00
CA GLU C 164 -33.23 -17.41 -30.16
C GLU C 164 -33.47 -16.19 -31.05
N ASP C 165 -34.60 -15.49 -30.92
CA ASP C 165 -34.90 -14.25 -31.73
C ASP C 165 -35.13 -12.95 -30.88
N LYS C 166 -34.67 -12.91 -29.62
CA LYS C 166 -34.66 -11.67 -28.85
C LYS C 166 -33.20 -11.18 -28.84
N LYS C 167 -32.97 -9.85 -28.89
CA LYS C 167 -31.64 -9.26 -29.09
C LYS C 167 -31.28 -8.44 -27.86
N ALA C 168 -30.02 -8.46 -27.42
CA ALA C 168 -29.57 -7.64 -26.25
C ALA C 168 -28.59 -6.55 -26.59
N LEU C 169 -28.58 -5.54 -25.75
CA LEU C 169 -27.57 -4.50 -25.81
C LEU C 169 -26.90 -4.36 -24.42
N ILE C 170 -25.57 -4.33 -24.40
CA ILE C 170 -24.77 -4.21 -23.17
C ILE C 170 -24.27 -2.80 -23.16
N ILE C 171 -24.55 -2.07 -22.07
CA ILE C 171 -23.99 -0.71 -21.89
C ILE C 171 -23.27 -0.54 -20.56
N LEU C 172 -22.23 0.28 -20.56
CA LEU C 172 -21.60 0.81 -19.36
C LEU C 172 -21.98 2.28 -19.21
N THR C 173 -22.21 2.69 -17.98
CA THR C 173 -22.51 4.07 -17.66
C THR C 173 -21.38 4.57 -16.80
N ASN C 174 -20.85 5.72 -17.21
CA ASN C 174 -19.86 6.46 -16.44
C ASN C 174 -20.15 7.94 -16.48
N SER C 175 -20.17 8.59 -15.33
CA SER C 175 -20.94 9.85 -15.17
C SER C 175 -22.27 9.70 -15.94
N ASN C 176 -22.58 10.58 -16.89
CA ASN C 176 -23.77 10.46 -17.71
C ASN C 176 -23.49 9.94 -19.09
N LYS C 177 -22.26 9.45 -19.31
CA LYS C 177 -21.88 8.86 -20.61
C LYS C 177 -22.27 7.38 -20.70
N ILE C 178 -22.92 7.03 -21.80
CA ILE C 178 -23.29 5.69 -22.13
C ILE C 178 -22.31 5.13 -23.14
N SER C 179 -21.77 3.95 -22.88
CA SER C 179 -21.01 3.23 -23.92
C SER C 179 -21.50 1.79 -24.12
N ALA C 180 -21.51 1.34 -25.38
CA ALA C 180 -22.01 0.04 -25.78
C ALA C 180 -20.90 -0.92 -26.04
N PHE C 181 -21.16 -2.20 -25.84
CA PHE C 181 -20.11 -3.22 -25.90
C PHE C 181 -20.76 -4.37 -26.61
N GLY C 182 -20.03 -4.99 -27.53
CA GLY C 182 -20.56 -6.07 -28.32
C GLY C 182 -19.90 -7.39 -28.01
N PRO C 183 -20.11 -8.36 -28.89
CA PRO C 183 -19.38 -9.61 -28.81
C PRO C 183 -17.84 -9.41 -28.74
N GLN C 184 -17.16 -10.32 -28.05
CA GLN C 184 -15.70 -10.27 -27.92
C GLN C 184 -15.18 -9.01 -27.29
N SER C 185 -16.00 -8.40 -26.44
CA SER C 185 -15.62 -7.18 -25.74
C SER C 185 -15.46 -7.64 -24.28
N ARG C 186 -15.17 -6.69 -23.40
CA ARG C 186 -14.99 -7.02 -21.97
C ARG C 186 -16.25 -7.56 -21.29
N PHE C 187 -17.44 -7.34 -21.84
CA PHE C 187 -18.64 -8.00 -21.27
C PHE C 187 -19.21 -9.10 -22.19
N GLY C 188 -18.38 -9.55 -23.13
CA GLY C 188 -18.88 -10.34 -24.29
C GLY C 188 -19.37 -11.73 -23.94
N ILE C 189 -18.96 -12.23 -22.77
CA ILE C 189 -19.53 -13.44 -22.18
C ILE C 189 -21.08 -13.55 -22.31
N ILE C 190 -21.79 -12.43 -22.25
CA ILE C 190 -23.26 -12.50 -22.44
C ILE C 190 -23.60 -13.06 -23.84
N HIS C 191 -22.90 -12.61 -24.87
CA HIS C 191 -23.14 -13.07 -26.25
C HIS C 191 -22.38 -14.35 -26.66
N ASP C 192 -21.09 -14.31 -26.43
CA ASP C 192 -20.16 -15.36 -26.87
C ASP C 192 -20.27 -16.67 -26.08
N VAL C 193 -20.52 -16.61 -24.78
CA VAL C 193 -20.60 -17.85 -23.97
C VAL C 193 -22.02 -18.27 -23.72
N LEU C 194 -22.90 -17.31 -23.44
CA LEU C 194 -24.27 -17.63 -23.07
C LEU C 194 -25.22 -17.57 -24.25
N GLY C 195 -24.70 -17.23 -25.41
CA GLY C 195 -25.44 -17.34 -26.67
C GLY C 195 -26.62 -16.37 -26.86
N ILE C 196 -26.60 -15.24 -26.16
CA ILE C 196 -27.67 -14.23 -26.31
C ILE C 196 -27.34 -13.39 -27.52
N ASN C 197 -28.30 -13.15 -28.40
CA ASN C 197 -27.97 -12.40 -29.61
C ASN C 197 -27.73 -10.98 -29.25
N ALA C 198 -26.88 -10.31 -30.04
CA ALA C 198 -26.56 -8.92 -29.92
C ALA C 198 -27.46 -8.11 -30.87
N VAL C 199 -27.83 -6.89 -30.48
CA VAL C 199 -28.48 -5.94 -31.41
C VAL C 199 -27.50 -5.53 -32.53
N ASP C 200 -26.22 -5.32 -32.18
CA ASP C 200 -25.11 -5.03 -33.14
C ASP C 200 -23.92 -6.00 -32.98
N GLU C 201 -23.35 -6.46 -34.09
CA GLU C 201 -22.11 -7.28 -34.11
C GLU C 201 -21.11 -6.67 -35.07
C THR C 207 -12.24 -1.41 -24.98
N ALA C 208 -12.49 -0.13 -25.19
CA ALA C 208 -13.32 0.65 -24.25
C ALA C 208 -14.70 1.12 -24.78
N GLY C 209 -15.19 0.52 -25.87
CA GLY C 209 -16.62 0.61 -26.27
C GLY C 209 -17.11 1.88 -26.98
N LYS C 210 -18.21 1.78 -27.72
CA LYS C 210 -18.74 2.91 -28.52
C LYS C 210 -19.57 3.85 -27.68
N SER C 211 -19.29 5.15 -27.83
CA SER C 211 -20.09 6.19 -27.22
C SER C 211 -21.42 6.16 -27.93
N ILE C 212 -22.49 6.14 -27.15
CA ILE C 212 -23.83 6.12 -27.67
C ILE C 212 -24.77 7.03 -26.84
N ASN C 213 -25.99 7.23 -27.31
CA ASN C 213 -26.98 8.07 -26.61
C ASN C 213 -28.27 7.33 -26.62
N SER C 214 -29.28 7.88 -25.95
CA SER C 214 -30.60 7.30 -25.90
C SER C 214 -31.29 7.13 -27.29
N GLU C 215 -31.01 7.96 -28.28
CA GLU C 215 -31.65 7.81 -29.61
C GLU C 215 -31.26 6.47 -30.26
N PHE C 216 -29.93 6.20 -30.25
CA PHE C 216 -29.32 4.88 -30.61
C PHE C 216 -30.01 3.70 -29.96
N ILE C 217 -30.30 3.82 -28.67
CA ILE C 217 -30.87 2.74 -27.93
C ILE C 217 -32.24 2.47 -28.52
N LEU C 218 -33.03 3.53 -28.77
CA LEU C 218 -34.35 3.34 -29.39
C LEU C 218 -34.23 2.81 -30.85
N GLU C 219 -33.33 3.34 -31.65
CA GLU C 219 -33.14 2.83 -33.03
C GLU C 219 -32.93 1.32 -33.03
N LYS C 220 -31.99 0.82 -32.23
CA LYS C 220 -31.74 -0.66 -32.16
C LYS C 220 -32.89 -1.41 -31.49
N ASN C 221 -33.58 -0.73 -30.59
CA ASN C 221 -34.73 -1.28 -29.85
C ASN C 221 -34.49 -2.71 -29.36
N PRO C 222 -33.54 -2.89 -28.42
CA PRO C 222 -33.22 -4.20 -27.83
C PRO C 222 -34.37 -4.76 -27.05
N ASP C 223 -34.50 -6.08 -27.05
CA ASP C 223 -35.39 -6.83 -26.13
C ASP C 223 -34.85 -6.88 -24.69
N TYR C 224 -33.53 -6.85 -24.57
CA TYR C 224 -32.86 -6.76 -23.28
C TYR C 224 -31.79 -5.68 -23.30
N ILE C 225 -31.66 -4.94 -22.20
CA ILE C 225 -30.55 -4.07 -21.97
C ILE C 225 -29.83 -4.48 -20.67
N PHE C 226 -28.57 -4.89 -20.80
CA PHE C 226 -27.70 -5.21 -19.66
C PHE C 226 -26.86 -4.01 -19.30
N VAL C 227 -26.92 -3.55 -18.03
CA VAL C 227 -26.21 -2.32 -17.66
C VAL C 227 -25.14 -2.59 -16.66
N VAL C 228 -23.94 -2.08 -16.91
CA VAL C 228 -22.89 -2.05 -15.90
C VAL C 228 -22.65 -0.65 -15.48
N ASP C 229 -22.94 -0.35 -14.23
CA ASP C 229 -22.90 1.02 -13.69
C ASP C 229 -21.59 1.28 -12.91
N ARG C 230 -20.61 1.86 -13.61
CA ARG C 230 -19.32 2.15 -13.02
C ARG C 230 -19.48 3.27 -11.94
N ASN C 231 -20.56 4.06 -12.01
CA ASN C 231 -20.81 5.10 -11.01
C ASN C 231 -20.95 4.61 -9.61
N VAL C 232 -21.45 3.38 -9.47
CA VAL C 232 -21.64 2.74 -8.21
C VAL C 232 -20.27 2.42 -7.60
N ILE C 233 -19.35 1.87 -8.39
CA ILE C 233 -18.01 1.50 -7.86
C ILE C 233 -17.15 2.73 -7.50
N LEU C 234 -17.23 3.79 -8.31
CA LEU C 234 -16.40 4.98 -8.08
C LEU C 234 -17.12 6.07 -7.28
N GLY C 235 -18.19 5.72 -6.57
CA GLY C 235 -18.87 6.67 -5.68
C GLY C 235 -19.48 7.94 -6.26
N ASN C 236 -19.64 8.04 -7.58
CA ASN C 236 -20.20 9.25 -8.22
C ASN C 236 -21.71 9.40 -7.92
N LYS C 237 -22.19 10.62 -8.10
CA LYS C 237 -23.59 10.96 -7.85
C LYS C 237 -24.50 10.34 -8.91
N GLU C 238 -24.04 10.28 -10.16
CA GLU C 238 -24.95 9.85 -11.24
C GLU C 238 -25.26 8.32 -11.22
N ARG C 239 -26.46 7.97 -11.64
CA ARG C 239 -26.88 6.56 -11.70
C ARG C 239 -27.47 6.19 -13.03
N ALA C 240 -27.19 4.95 -13.45
CA ALA C 240 -27.78 4.43 -14.69
C ALA C 240 -29.30 4.56 -14.70
N GLN C 241 -29.94 4.22 -13.59
CA GLN C 241 -31.42 4.27 -13.57
C GLN C 241 -31.88 5.65 -13.93
N GLY C 242 -31.22 6.66 -13.39
CA GLY C 242 -31.50 8.09 -13.76
C GLY C 242 -31.23 8.48 -15.21
N ILE C 243 -30.11 8.03 -15.79
CA ILE C 243 -29.74 8.30 -17.20
C ILE C 243 -30.69 7.63 -18.21
N LEU C 244 -31.24 6.46 -17.86
CA LEU C 244 -32.13 5.73 -18.74
C LEU C 244 -33.63 6.06 -18.47
N ASP C 245 -33.93 6.97 -17.55
CA ASP C 245 -35.31 7.36 -17.25
C ASP C 245 -35.65 8.52 -18.19
N ASN C 246 -35.85 8.20 -19.45
CA ASN C 246 -36.24 9.19 -20.46
C ASN C 246 -37.24 8.55 -21.42
N ALA C 247 -37.92 9.44 -22.16
CA ALA C 247 -39.03 9.03 -23.02
C ALA C 247 -38.57 8.16 -24.20
N LEU C 248 -37.33 8.34 -24.69
CA LEU C 248 -36.81 7.46 -25.77
C LEU C 248 -36.59 6.01 -25.28
N VAL C 249 -35.85 5.85 -24.19
CA VAL C 249 -35.61 4.47 -23.67
C VAL C 249 -36.91 3.85 -23.20
N ALA C 250 -37.80 4.67 -22.68
CA ALA C 250 -39.12 4.15 -22.20
C ALA C 250 -39.99 3.42 -23.24
N LYS C 251 -39.84 3.77 -24.53
CA LYS C 251 -40.65 3.16 -25.61
C LYS C 251 -40.01 1.85 -26.10
N THR C 252 -38.77 1.60 -25.69
CA THR C 252 -38.03 0.44 -26.12
C THR C 252 -38.68 -0.86 -25.59
N LYS C 253 -38.52 -1.97 -26.33
CA LYS C 253 -39.02 -3.30 -25.89
C LYS C 253 -38.48 -3.68 -24.47
N ALA C 254 -37.15 -3.69 -24.32
CA ALA C 254 -36.54 -3.82 -22.98
C ALA C 254 -37.28 -3.09 -21.82
N ALA C 255 -37.46 -1.77 -21.94
CA ALA C 255 -38.17 -0.95 -20.92
C ALA C 255 -39.64 -1.31 -20.78
N GLN C 256 -40.35 -1.55 -21.88
CA GLN C 256 -41.75 -1.97 -21.82
C GLN C 256 -41.90 -3.28 -21.06
N ASN C 257 -40.93 -4.17 -21.21
CA ASN C 257 -41.00 -5.50 -20.60
C ASN C 257 -40.23 -5.61 -19.27
N LYS C 258 -39.77 -4.50 -18.70
CA LYS C 258 -38.94 -4.56 -17.49
C LYS C 258 -37.67 -5.42 -17.67
N LYS C 259 -37.01 -5.36 -18.83
CA LYS C 259 -35.82 -6.16 -19.14
C LYS C 259 -34.58 -5.28 -19.31
N ILE C 260 -34.53 -4.23 -18.53
CA ILE C 260 -33.36 -3.40 -18.38
C ILE C 260 -32.72 -3.94 -17.09
N ILE C 261 -31.60 -4.62 -17.24
CA ILE C 261 -31.02 -5.43 -16.17
C ILE C 261 -29.78 -4.71 -15.60
N TYR C 262 -29.85 -4.30 -14.33
CA TYR C 262 -28.74 -3.61 -13.67
C TYR C 262 -27.79 -4.65 -13.09
N LEU C 263 -26.71 -5.00 -13.81
CA LEU C 263 -25.83 -6.07 -13.32
C LEU C 263 -25.06 -5.57 -12.08
N ASP C 264 -24.75 -6.49 -11.18
CA ASP C 264 -24.07 -6.17 -9.98
C ASP C 264 -22.67 -5.77 -10.35
N PRO C 265 -22.33 -4.56 -10.05
CA PRO C 265 -21.00 -4.13 -10.59
C PRO C 265 -19.83 -4.68 -9.77
N GLU C 266 -20.12 -5.25 -8.61
CA GLU C 266 -19.08 -5.89 -7.79
C GLU C 266 -18.62 -7.21 -8.38
N TYR C 267 -19.36 -7.73 -9.37
CA TYR C 267 -18.97 -8.89 -10.18
C TYR C 267 -18.56 -8.39 -11.56
N TRP C 268 -19.35 -7.50 -12.20
CA TRP C 268 -19.19 -7.29 -13.64
C TRP C 268 -18.16 -6.23 -13.95
N PHE C 269 -18.20 -5.16 -13.19
CA PHE C 269 -17.20 -4.13 -13.35
C PHE C 269 -15.89 -4.54 -12.68
N LEU C 270 -15.94 -4.94 -11.41
CA LEU C 270 -14.70 -5.41 -10.75
C LEU C 270 -14.12 -6.63 -11.48
N ALA C 271 -14.93 -7.30 -12.29
CA ALA C 271 -14.44 -8.26 -13.29
C ALA C 271 -14.01 -9.59 -12.65
N SER C 272 -14.92 -10.24 -11.95
CA SER C 272 -14.51 -11.41 -11.16
C SER C 272 -14.76 -12.75 -11.85
N GLY C 273 -14.62 -12.76 -13.16
CA GLY C 273 -14.90 -13.96 -13.94
C GLY C 273 -13.89 -15.06 -13.82
N ASN C 274 -12.70 -14.79 -13.24
CA ASN C 274 -11.76 -15.87 -12.79
C ASN C 274 -12.22 -16.71 -11.60
N GLY C 275 -13.32 -16.36 -10.92
CA GLY C 275 -13.74 -17.14 -9.77
C GLY C 275 -14.51 -18.37 -10.08
N LEU C 276 -14.13 -19.51 -9.55
CA LEU C 276 -14.84 -20.76 -9.77
C LEU C 276 -16.28 -20.68 -9.26
N GLU C 277 -16.55 -19.81 -8.30
CA GLU C 277 -17.89 -19.62 -7.78
C GLU C 277 -18.54 -18.34 -8.29
N SER C 278 -17.77 -17.26 -8.35
CA SER C 278 -18.29 -15.96 -8.82
C SER C 278 -18.70 -16.06 -10.30
N LEU C 279 -17.97 -16.82 -11.13
CA LEU C 279 -18.37 -17.00 -12.55
C LEU C 279 -19.75 -17.65 -12.62
N LYS C 280 -19.93 -18.70 -11.84
CA LYS C 280 -21.26 -19.34 -11.71
C LYS C 280 -22.39 -18.37 -11.20
N THR C 281 -22.10 -17.47 -10.27
CA THR C 281 -23.07 -16.45 -9.87
C THR C 281 -23.43 -15.46 -10.99
N MET C 282 -22.42 -15.08 -11.76
CA MET C 282 -22.64 -14.23 -12.89
C MET C 282 -23.47 -14.92 -14.00
N ILE C 283 -23.19 -16.19 -14.24
CA ILE C 283 -23.92 -16.88 -15.31
C ILE C 283 -25.41 -16.99 -14.90
N LEU C 284 -25.63 -17.23 -13.61
CA LEU C 284 -27.02 -17.33 -13.10
C LEU C 284 -27.74 -15.99 -13.06
N GLU C 285 -26.99 -14.87 -12.91
CA GLU C 285 -27.59 -13.55 -13.01
C GLU C 285 -28.14 -13.32 -14.44
N ILE C 286 -27.37 -13.72 -15.42
CA ILE C 286 -27.80 -13.58 -16.80
C ILE C 286 -29.00 -14.50 -17.05
N LYS C 287 -28.85 -15.78 -16.73
CA LYS C 287 -29.87 -16.75 -16.88
C LYS C 287 -31.22 -16.32 -16.27
N ASN C 288 -31.17 -15.91 -15.01
CA ASN C 288 -32.40 -15.52 -14.33
C ASN C 288 -32.96 -14.21 -14.86
N ALA C 289 -32.16 -13.46 -15.58
CA ALA C 289 -32.70 -12.27 -16.18
C ALA C 289 -33.46 -12.56 -17.46
N VAL C 290 -33.06 -13.56 -18.25
CA VAL C 290 -33.68 -13.79 -19.58
C VAL C 290 -34.70 -14.87 -19.58
N LYS C 291 -34.78 -15.64 -18.49
CA LYS C 291 -35.56 -16.87 -18.59
C LYS C 291 -37.05 -16.55 -18.71
#